data_7WH6
#
_entry.id   7WH6
#
_cell.length_a   55.297
_cell.length_b   119.139
_cell.length_c   60.828
_cell.angle_alpha   90.000
_cell.angle_beta   102.280
_cell.angle_gamma   90.000
#
_symmetry.space_group_name_H-M   'P 1 21 1'
#
loop_
_entity.id
_entity.type
_entity.pdbx_description
1 polymer Beta-xylanase
2 branched alpha-D-mannopyranose-(1-2)-[alpha-D-mannopyranose-(1-6)]alpha-D-mannopyranose-(1-3)-[alpha-D-mannopyranose-(1-6)]beta-D-mannopyranose-(1-4)-2-acetamido-2-deoxy-beta-D-glucopyranose-(1-4)-2-acetamido-2-deoxy-beta-D-glucopyranose
3 branched alpha-D-mannopyranose-(1-2)-alpha-D-mannopyranose-(1-3)-beta-D-mannopyranose-(1-4)-2-acetamido-2-deoxy-beta-D-glucopyranose-(1-4)-2-acetamido-2-deoxy-beta-D-glucopyranose
4 non-polymer GLYCEROL
5 water water
#
_entity_poly.entity_id   1
_entity_poly.type   'polypeptide(L)'
_entity_poly.pdbx_seq_one_letter_code
;EAEAAGLNTAAKAKGLKYFGSATDNPELTDSAYVAQLSNTDDFGQITPGNSMKWDATEPSQNSFSFANGDAVVNLANKNG
QLMRCHTLVWHSQLPNWVSSGSWTNATLLAAMKNHITNVVTHYKGKCYAWDVVNEALNEDGTFRNSVFYQIIGPAYIPIA
FATAAAADPDVKLYYNDYSIEYSGAKATAAQNIVKMIKAYGAKIDGVGLQAHFIVGSTPSQSDLTTVLKGYTALGVEVAY
TELDIRMQLPSTAAKLAQQSTDFQGVAAACVSTTGCVGVTIWDWTDKYSWVPSVFQGYGAPLPWDENYVKKPAYDGLMAG
LGASGSGTT
;
_entity_poly.pdbx_strand_id   A,B
#
# COMPACT_ATOMS: atom_id res chain seq x y z
N ALA A 5 34.34 -18.71 27.46
CA ALA A 5 34.35 -19.42 26.15
C ALA A 5 32.93 -19.52 25.58
N GLY A 6 32.84 -19.31 24.27
CA GLY A 6 31.57 -19.48 23.53
C GLY A 6 31.75 -18.89 22.15
N LEU A 7 30.71 -18.90 21.34
CA LEU A 7 30.83 -18.55 19.91
C LEU A 7 31.30 -17.11 19.74
N ASN A 8 30.78 -16.21 20.54
CA ASN A 8 31.08 -14.76 20.39
C ASN A 8 32.49 -14.46 20.93
N THR A 9 32.85 -15.01 22.10
CA THR A 9 34.21 -14.83 22.64
C THR A 9 35.20 -15.39 21.63
N ALA A 10 34.93 -16.58 21.10
CA ALA A 10 35.79 -17.23 20.08
C ALA A 10 35.89 -16.36 18.83
N ALA A 11 34.76 -15.86 18.33
CA ALA A 11 34.74 -15.02 17.11
C ALA A 11 35.62 -13.78 17.31
N LYS A 12 35.46 -13.08 18.42
CA LYS A 12 36.23 -11.84 18.67
C LYS A 12 37.72 -12.16 18.79
N ALA A 13 38.09 -13.35 19.26
CA ALA A 13 39.52 -13.72 19.41
C ALA A 13 40.15 -13.85 18.03
N LYS A 14 39.36 -14.08 16.98
CA LYS A 14 39.87 -14.16 15.58
C LYS A 14 39.63 -12.85 14.84
N GLY A 15 39.19 -11.81 15.51
CA GLY A 15 39.07 -10.47 14.92
C GLY A 15 37.70 -10.25 14.28
N LEU A 16 36.76 -11.17 14.40
CA LEU A 16 35.36 -10.84 14.05
C LEU A 16 34.85 -9.81 15.04
N LYS A 17 33.89 -9.00 14.63
CA LYS A 17 33.18 -8.11 15.57
C LYS A 17 32.21 -8.89 16.44
N TYR A 18 31.58 -9.94 15.93
CA TYR A 18 30.57 -10.69 16.71
C TYR A 18 30.33 -12.08 16.12
N PHE A 19 29.72 -12.89 17.00
CA PHE A 19 28.96 -14.07 16.58
C PHE A 19 27.59 -13.71 17.19
N GLY A 20 26.49 -13.80 16.44
CA GLY A 20 25.18 -13.36 16.97
C GLY A 20 24.04 -14.23 16.50
N SER A 21 22.83 -13.82 16.85
CA SER A 21 21.60 -14.57 16.57
C SER A 21 20.42 -13.64 16.28
N ALA A 22 19.58 -14.03 15.34
CA ALA A 22 18.25 -13.41 15.19
C ALA A 22 17.35 -13.88 16.32
N THR A 23 16.27 -13.14 16.54
CA THR A 23 15.23 -13.57 17.47
C THR A 23 13.90 -13.02 16.95
N ASP A 24 12.82 -13.24 17.70
CA ASP A 24 11.54 -12.58 17.36
C ASP A 24 10.79 -12.30 18.67
N ASN A 25 9.99 -11.25 18.68
CA ASN A 25 9.34 -10.74 19.91
C ASN A 25 8.58 -11.84 20.65
N PRO A 26 7.82 -12.73 19.99
CA PRO A 26 7.03 -13.73 20.74
C PRO A 26 7.93 -14.60 21.61
N GLU A 27 9.20 -14.72 21.28
CA GLU A 27 10.11 -15.64 22.00
C GLU A 27 10.62 -14.98 23.28
N LEU A 28 10.51 -13.67 23.38
CA LEU A 28 11.12 -12.91 24.50
C LEU A 28 10.33 -13.15 25.80
N THR A 29 9.19 -13.84 25.75
CA THR A 29 8.44 -14.26 26.96
C THR A 29 8.89 -15.65 27.44
N ASP A 30 9.82 -16.30 26.74
CA ASP A 30 10.38 -17.61 27.14
C ASP A 30 11.69 -17.34 27.90
N SER A 31 11.63 -17.48 29.24
N SER A 31 11.67 -17.48 29.24
CA SER A 31 12.68 -17.05 30.18
CA SER A 31 12.75 -16.99 30.12
C SER A 31 14.00 -17.77 29.89
C SER A 31 14.04 -17.77 29.88
N ALA A 32 13.96 -19.09 29.74
CA ALA A 32 15.16 -19.92 29.49
C ALA A 32 15.73 -19.53 28.12
N TYR A 33 14.84 -19.28 27.16
CA TYR A 33 15.26 -18.84 25.79
C TYR A 33 16.04 -17.53 25.92
N VAL A 34 15.46 -16.57 26.63
CA VAL A 34 16.01 -15.19 26.68
C VAL A 34 17.31 -15.23 27.47
N ALA A 35 17.41 -16.11 28.47
CA ALA A 35 18.66 -16.22 29.26
C ALA A 35 19.82 -16.64 28.33
N GLN A 36 19.58 -17.54 27.39
CA GLN A 36 20.66 -18.01 26.48
C GLN A 36 20.84 -16.98 25.35
N LEU A 37 19.78 -16.37 24.85
CA LEU A 37 19.95 -15.28 23.86
C LEU A 37 20.83 -14.19 24.48
N SER A 38 20.69 -13.96 25.79
CA SER A 38 21.40 -12.88 26.52
C SER A 38 22.80 -13.32 26.97
N ASN A 39 23.22 -14.53 26.63
CA ASN A 39 24.54 -15.06 27.00
C ASN A 39 25.57 -14.47 26.03
N THR A 40 26.32 -13.46 26.46
CA THR A 40 27.22 -12.70 25.54
C THR A 40 28.49 -13.51 25.23
N ASP A 41 28.75 -14.62 25.93
CA ASP A 41 29.83 -15.54 25.51
C ASP A 41 29.47 -16.17 24.16
N ASP A 42 28.18 -16.41 23.93
CA ASP A 42 27.71 -17.04 22.66
C ASP A 42 27.21 -15.97 21.70
N PHE A 43 26.56 -14.89 22.17
CA PHE A 43 25.94 -13.91 21.25
C PHE A 43 26.36 -12.49 21.59
N GLY A 44 27.06 -11.82 20.68
CA GLY A 44 27.42 -10.41 20.86
C GLY A 44 26.61 -9.47 19.98
N GLN A 45 25.58 -10.01 19.33
CA GLN A 45 24.81 -9.30 18.29
C GLN A 45 23.47 -9.99 18.09
N ILE A 46 22.44 -9.17 17.86
CA ILE A 46 21.02 -9.59 17.69
C ILE A 46 20.47 -8.97 16.41
N THR A 47 19.65 -9.73 15.69
CA THR A 47 18.85 -9.20 14.59
C THR A 47 17.40 -9.40 14.94
N PRO A 48 16.51 -8.40 14.81
CA PRO A 48 15.08 -8.66 14.92
C PRO A 48 14.59 -9.40 13.67
N GLY A 49 14.02 -10.57 13.85
CA GLY A 49 13.57 -11.43 12.75
C GLY A 49 12.42 -10.82 11.98
N ASN A 50 11.58 -10.00 12.62
CA ASN A 50 10.38 -9.49 11.94
C ASN A 50 10.04 -8.04 12.32
N SER A 51 10.36 -7.56 13.51
CA SER A 51 9.72 -6.32 14.03
C SER A 51 10.31 -5.03 13.45
N MET A 52 11.30 -5.10 12.53
CA MET A 52 11.74 -3.86 11.85
C MET A 52 11.42 -3.94 10.35
N LYS A 53 10.64 -4.94 9.92
CA LYS A 53 10.19 -5.04 8.50
C LYS A 53 9.09 -4.03 8.24
N TRP A 54 8.81 -3.85 6.97
CA TRP A 54 7.90 -2.76 6.53
C TRP A 54 6.50 -2.97 7.10
N ASP A 55 5.94 -4.19 7.05
CA ASP A 55 4.59 -4.44 7.60
C ASP A 55 4.56 -4.11 9.11
N ALA A 56 5.62 -4.37 9.85
CA ALA A 56 5.70 -4.17 11.32
C ALA A 56 5.84 -2.69 11.66
N THR A 57 6.57 -1.90 10.86
CA THR A 57 6.98 -0.52 11.22
C THR A 57 6.08 0.53 10.57
N GLU A 58 5.47 0.24 9.41
CA GLU A 58 4.59 1.22 8.74
C GLU A 58 3.35 0.47 8.25
N PRO A 59 2.53 -0.04 9.18
CA PRO A 59 1.38 -0.86 8.80
C PRO A 59 0.31 -0.10 8.03
N SER A 60 0.23 1.22 8.21
CA SER A 60 -0.56 2.09 7.33
C SER A 60 0.33 3.23 6.90
N GLN A 61 0.05 3.83 5.74
CA GLN A 61 0.97 4.82 5.17
C GLN A 61 1.16 6.00 6.13
N ASN A 62 2.41 6.35 6.42
CA ASN A 62 2.78 7.49 7.29
C ASN A 62 2.38 7.27 8.75
N SER A 63 2.06 6.03 9.15
N SER A 63 1.96 6.07 9.12
CA SER A 63 1.64 5.62 10.51
CA SER A 63 1.67 5.68 10.52
C SER A 63 2.63 4.60 11.09
C SER A 63 2.72 4.66 10.93
N PHE A 64 3.67 5.09 11.78
CA PHE A 64 4.83 4.26 12.16
C PHE A 64 4.58 3.60 13.50
N SER A 65 5.04 2.37 13.61
CA SER A 65 4.87 1.54 14.82
C SER A 65 6.21 0.93 15.21
N PHE A 66 6.83 1.40 16.30
CA PHE A 66 8.21 0.99 16.66
C PHE A 66 8.32 0.18 17.94
N ALA A 67 7.22 -0.05 18.66
CA ALA A 67 7.27 -0.70 19.98
C ALA A 67 8.00 -2.04 19.90
N ASN A 68 7.65 -2.88 18.92
CA ASN A 68 8.21 -4.26 18.88
C ASN A 68 9.69 -4.20 18.47
N GLY A 69 10.05 -3.36 17.51
CA GLY A 69 11.46 -3.20 17.16
C GLY A 69 12.25 -2.65 18.33
N ASP A 70 11.67 -1.68 19.00
CA ASP A 70 12.34 -1.03 20.16
C ASP A 70 12.56 -2.04 21.27
N ALA A 71 11.67 -3.02 21.45
CA ALA A 71 11.83 -4.05 22.49
C ALA A 71 13.12 -4.85 22.24
N VAL A 72 13.39 -5.18 20.98
CA VAL A 72 14.60 -5.97 20.65
C VAL A 72 15.82 -5.06 20.87
N VAL A 73 15.78 -3.82 20.39
CA VAL A 73 16.91 -2.86 20.62
C VAL A 73 17.18 -2.75 22.13
N ASN A 74 16.13 -2.63 22.94
CA ASN A 74 16.31 -2.44 24.39
C ASN A 74 16.98 -3.66 25.00
N LEU A 75 16.65 -4.88 24.55
CA LEU A 75 17.28 -6.11 25.08
C LEU A 75 18.76 -6.06 24.71
N ALA A 76 19.07 -5.81 23.44
CA ALA A 76 20.48 -5.78 22.96
C ALA A 76 21.24 -4.75 23.79
N ASN A 77 20.63 -3.59 24.01
CA ASN A 77 21.27 -2.45 24.71
C ASN A 77 21.54 -2.86 26.16
N LYS A 78 20.58 -3.48 26.83
CA LYS A 78 20.77 -3.98 28.23
C LYS A 78 21.90 -5.03 28.27
N ASN A 79 22.03 -5.90 27.26
CA ASN A 79 23.01 -7.02 27.30
C ASN A 79 24.41 -6.59 26.84
N GLY A 80 24.52 -5.48 26.11
CA GLY A 80 25.77 -5.05 25.48
C GLY A 80 25.97 -5.78 24.16
N GLN A 81 24.91 -6.02 23.43
CA GLN A 81 24.98 -6.69 22.11
C GLN A 81 24.77 -5.67 20.99
N LEU A 82 25.43 -5.86 19.87
CA LEU A 82 25.22 -5.03 18.66
C LEU A 82 23.87 -5.40 18.05
N MET A 83 23.29 -4.46 17.33
CA MET A 83 22.07 -4.71 16.55
C MET A 83 22.47 -4.79 15.08
N ARG A 84 21.88 -5.73 14.33
CA ARG A 84 21.71 -5.56 12.88
C ARG A 84 20.23 -5.27 12.67
N CYS A 85 19.93 -4.21 11.95
CA CYS A 85 18.55 -3.74 11.72
C CYS A 85 18.12 -4.25 10.35
N HIS A 86 16.92 -4.79 10.25
CA HIS A 86 16.50 -5.68 9.14
C HIS A 86 14.99 -5.50 8.98
N THR A 87 14.49 -5.07 7.83
CA THR A 87 15.14 -4.67 6.60
C THR A 87 14.24 -3.59 5.97
N LEU A 88 14.79 -2.64 5.25
CA LEU A 88 14.05 -1.43 4.84
C LEU A 88 13.22 -1.71 3.63
N VAL A 89 13.80 -2.21 2.55
CA VAL A 89 13.15 -2.37 1.23
C VAL A 89 13.22 -3.84 0.85
N TRP A 90 12.08 -4.48 0.74
CA TRP A 90 11.94 -5.93 0.51
C TRP A 90 10.59 -6.20 -0.12
N HIS A 91 10.51 -7.15 -1.03
CA HIS A 91 9.23 -7.48 -1.71
C HIS A 91 8.31 -8.29 -0.80
N SER A 92 8.82 -8.93 0.24
CA SER A 92 8.02 -9.81 1.14
C SER A 92 7.66 -9.03 2.41
N GLN A 93 6.56 -9.39 3.06
CA GLN A 93 6.12 -8.74 4.31
C GLN A 93 5.95 -7.22 4.08
N LEU A 94 5.46 -6.86 2.91
CA LEU A 94 4.90 -5.51 2.65
C LEU A 94 3.48 -5.45 3.20
N PRO A 95 3.10 -4.31 3.82
CA PRO A 95 1.69 -4.12 4.17
C PRO A 95 0.87 -3.99 2.88
N ASN A 96 -0.43 -4.27 3.03
CA ASN A 96 -1.40 -4.23 1.93
C ASN A 96 -1.34 -2.91 1.17
N TRP A 97 -1.21 -1.81 1.88
CA TRP A 97 -1.26 -0.50 1.18
C TRP A 97 -0.12 -0.33 0.18
N VAL A 98 1.03 -1.01 0.38
CA VAL A 98 2.08 -0.95 -0.66
C VAL A 98 1.69 -1.86 -1.83
N SER A 99 1.41 -3.13 -1.55
N SER A 99 1.38 -3.12 -1.53
CA SER A 99 1.14 -4.14 -2.60
CA SER A 99 1.18 -4.15 -2.57
C SER A 99 -0.04 -3.73 -3.48
C SER A 99 -0.07 -3.87 -3.42
N SER A 100 -1.10 -3.20 -2.87
CA SER A 100 -2.39 -2.95 -3.55
C SER A 100 -2.44 -1.55 -4.16
N GLY A 101 -1.43 -0.73 -3.97
CA GLY A 101 -1.55 0.66 -4.43
C GLY A 101 -1.54 0.79 -5.94
N SER A 102 -2.22 1.81 -6.43
CA SER A 102 -2.11 2.35 -7.79
C SER A 102 -1.05 3.43 -7.78
N TRP A 103 0.17 3.09 -8.18
CA TRP A 103 1.36 3.97 -7.98
C TRP A 103 1.84 4.57 -9.29
N THR A 104 2.41 5.76 -9.22
CA THR A 104 3.32 6.27 -10.26
C THR A 104 4.73 6.14 -9.71
N ASN A 105 5.70 6.30 -10.56
CA ASN A 105 7.10 6.35 -10.10
C ASN A 105 7.16 7.36 -8.95
N ALA A 106 6.63 8.56 -9.17
CA ALA A 106 6.75 9.63 -8.17
C ALA A 106 6.10 9.19 -6.85
N THR A 107 4.89 8.64 -6.85
CA THR A 107 4.21 8.40 -5.56
C THR A 107 4.81 7.16 -4.85
N LEU A 108 5.28 6.15 -5.60
CA LEU A 108 5.89 5.00 -4.88
C LEU A 108 7.27 5.42 -4.37
N LEU A 109 8.05 6.15 -5.18
CA LEU A 109 9.36 6.67 -4.70
C LEU A 109 9.16 7.49 -3.43
N ALA A 110 8.17 8.39 -3.37
CA ALA A 110 7.98 9.21 -2.15
C ALA A 110 7.66 8.31 -0.97
N ALA A 111 6.81 7.30 -1.18
CA ALA A 111 6.41 6.40 -0.08
C ALA A 111 7.63 5.57 0.38
N MET A 112 8.45 5.11 -0.56
CA MET A 112 9.66 4.32 -0.23
C MET A 112 10.64 5.19 0.54
N LYS A 113 10.94 6.38 0.02
CA LYS A 113 11.86 7.31 0.70
C LYS A 113 11.30 7.63 2.08
N ASN A 114 10.01 7.90 2.19
CA ASN A 114 9.44 8.30 3.49
C ASN A 114 9.58 7.14 4.46
N HIS A 115 9.37 5.91 4.00
CA HIS A 115 9.53 4.72 4.89
C HIS A 115 10.97 4.71 5.44
N ILE A 116 11.91 4.77 4.52
CA ILE A 116 13.34 4.69 4.87
C ILE A 116 13.69 5.82 5.84
N THR A 117 13.32 7.07 5.52
CA THR A 117 13.76 8.20 6.34
C THR A 117 13.22 8.02 7.77
N ASN A 118 11.95 7.69 7.88
CA ASN A 118 11.29 7.61 9.20
C ASN A 118 11.91 6.49 10.03
N VAL A 119 12.08 5.30 9.40
CA VAL A 119 12.54 4.12 10.16
C VAL A 119 14.01 4.34 10.52
N VAL A 120 14.82 4.78 9.57
CA VAL A 120 16.28 4.99 9.82
C VAL A 120 16.47 6.09 10.86
N THR A 121 15.70 7.17 10.75
CA THR A 121 15.83 8.28 11.74
C THR A 121 15.49 7.73 13.13
N HIS A 122 14.43 6.97 13.26
CA HIS A 122 14.02 6.42 14.58
C HIS A 122 15.15 5.61 15.21
N TYR A 123 15.86 4.83 14.42
CA TYR A 123 16.88 3.88 14.91
C TYR A 123 18.27 4.48 14.78
N LYS A 124 18.40 5.78 14.51
CA LYS A 124 19.73 6.40 14.38
C LYS A 124 20.55 6.16 15.66
N GLY A 125 21.78 5.70 15.51
CA GLY A 125 22.65 5.47 16.68
C GLY A 125 22.41 4.14 17.33
N LYS A 126 21.49 3.31 16.82
CA LYS A 126 21.11 2.06 17.54
C LYS A 126 21.62 0.81 16.80
N CYS A 127 21.94 0.94 15.50
CA CYS A 127 22.21 -0.20 14.59
C CYS A 127 23.69 -0.18 14.20
N TYR A 128 24.35 -1.34 14.27
CA TYR A 128 25.66 -1.54 13.62
C TYR A 128 25.47 -1.41 12.12
N ALA A 129 24.42 -2.05 11.59
CA ALA A 129 24.20 -2.16 10.14
C ALA A 129 22.71 -2.19 9.87
N TRP A 130 22.34 -1.71 8.69
CA TRP A 130 20.99 -1.94 8.12
C TRP A 130 21.12 -2.83 6.90
N ASP A 131 20.21 -3.80 6.78
CA ASP A 131 19.91 -4.46 5.48
C ASP A 131 18.99 -3.49 4.73
N VAL A 132 19.56 -2.66 3.90
CA VAL A 132 18.79 -1.56 3.24
C VAL A 132 17.84 -2.16 2.21
N VAL A 133 18.40 -2.92 1.27
CA VAL A 133 17.60 -3.65 0.27
C VAL A 133 17.90 -5.13 0.47
N ASN A 134 16.84 -5.91 0.44
CA ASN A 134 16.86 -7.37 0.68
C ASN A 134 16.35 -8.07 -0.56
N GLU A 135 17.12 -9.04 -1.05
CA GLU A 135 16.61 -10.01 -2.05
C GLU A 135 16.08 -9.28 -3.29
N ALA A 136 16.92 -8.44 -3.91
CA ALA A 136 16.54 -7.68 -5.12
C ALA A 136 16.79 -8.52 -6.39
N LEU A 137 17.36 -9.72 -6.26
CA LEU A 137 17.77 -10.51 -7.44
C LEU A 137 16.89 -11.75 -7.61
N ASN A 138 16.62 -12.10 -8.85
CA ASN A 138 16.16 -13.44 -9.24
C ASN A 138 17.33 -14.41 -9.13
N GLU A 139 17.03 -15.71 -9.17
CA GLU A 139 18.09 -16.74 -9.01
C GLU A 139 19.06 -16.67 -10.20
N ASP A 140 18.63 -16.12 -11.36
CA ASP A 140 19.49 -15.99 -12.55
C ASP A 140 20.27 -14.66 -12.52
N GLY A 141 20.11 -13.90 -11.45
CA GLY A 141 20.88 -12.65 -11.31
C GLY A 141 20.22 -11.46 -11.99
N THR A 142 19.10 -11.63 -12.67
CA THR A 142 18.33 -10.50 -13.17
C THR A 142 17.60 -9.85 -11.98
N PHE A 143 17.08 -8.65 -12.14
CA PHE A 143 16.39 -7.97 -11.02
C PHE A 143 15.04 -8.61 -10.77
N ARG A 144 14.76 -8.88 -9.50
CA ARG A 144 13.45 -9.40 -9.08
C ARG A 144 12.38 -8.36 -9.45
N ASN A 145 11.30 -8.80 -10.07
CA ASN A 145 10.25 -7.88 -10.59
C ASN A 145 9.28 -7.53 -9.46
N SER A 146 9.78 -7.00 -8.36
CA SER A 146 8.97 -6.49 -7.23
C SER A 146 8.23 -5.22 -7.67
N VAL A 147 7.32 -4.76 -6.83
CA VAL A 147 6.61 -3.50 -7.10
C VAL A 147 7.62 -2.35 -7.26
N PHE A 148 8.67 -2.34 -6.44
CA PHE A 148 9.73 -1.30 -6.53
C PHE A 148 10.36 -1.35 -7.91
N TYR A 149 10.82 -2.52 -8.34
CA TYR A 149 11.46 -2.63 -9.66
C TYR A 149 10.51 -2.31 -10.82
N GLN A 150 9.28 -2.80 -10.77
CA GLN A 150 8.29 -2.59 -11.86
C GLN A 150 8.02 -1.10 -12.02
N ILE A 151 7.91 -0.36 -10.91
CA ILE A 151 7.38 1.05 -10.98
C ILE A 151 8.55 2.04 -11.05
N ILE A 152 9.65 1.76 -10.34
CA ILE A 152 10.78 2.73 -10.27
C ILE A 152 11.90 2.33 -11.23
N GLY A 153 12.11 1.03 -11.40
CA GLY A 153 13.24 0.49 -12.18
C GLY A 153 14.46 0.37 -11.30
N PRO A 154 15.65 0.11 -11.89
CA PRO A 154 16.82 -0.27 -11.11
C PRO A 154 17.29 0.81 -10.12
N ALA A 155 16.98 2.09 -10.38
CA ALA A 155 17.37 3.22 -9.52
C ALA A 155 16.84 3.04 -8.11
N TYR A 156 15.79 2.22 -7.88
CA TYR A 156 15.23 2.15 -6.51
C TYR A 156 16.30 1.67 -5.54
N ILE A 157 17.26 0.90 -6.02
CA ILE A 157 18.30 0.30 -5.15
C ILE A 157 19.24 1.41 -4.68
N PRO A 158 20.00 2.10 -5.55
CA PRO A 158 20.85 3.18 -5.05
C PRO A 158 20.04 4.28 -4.35
N ILE A 159 18.83 4.60 -4.83
CA ILE A 159 18.01 5.64 -4.14
C ILE A 159 17.74 5.19 -2.70
N ALA A 160 17.41 3.93 -2.46
CA ALA A 160 17.20 3.42 -1.09
C ALA A 160 18.46 3.64 -0.23
N PHE A 161 19.62 3.23 -0.76
CA PHE A 161 20.91 3.42 -0.06
C PHE A 161 21.17 4.91 0.24
N ALA A 162 21.04 5.78 -0.75
CA ALA A 162 21.31 7.21 -0.52
C ALA A 162 20.35 7.79 0.53
N THR A 163 19.10 7.34 0.54
CA THR A 163 18.08 7.86 1.47
C THR A 163 18.44 7.39 2.88
N ALA A 164 18.90 6.15 3.05
CA ALA A 164 19.31 5.64 4.37
C ALA A 164 20.55 6.40 4.85
N ALA A 165 21.53 6.59 3.98
CA ALA A 165 22.78 7.35 4.32
C ALA A 165 22.44 8.74 4.82
N ALA A 166 21.49 9.43 4.20
CA ALA A 166 21.13 10.81 4.56
C ALA A 166 20.57 10.84 5.97
N ALA A 167 19.81 9.83 6.37
CA ALA A 167 19.13 9.79 7.67
C ALA A 167 20.06 9.29 8.76
N ASP A 168 21.07 8.47 8.44
CA ASP A 168 22.01 7.93 9.47
C ASP A 168 23.35 7.71 8.79
N PRO A 169 24.26 8.71 8.82
CA PRO A 169 25.51 8.62 8.08
C PRO A 169 26.49 7.58 8.64
N ASP A 170 26.27 7.08 9.85
CA ASP A 170 27.27 6.26 10.57
C ASP A 170 26.97 4.79 10.39
N VAL A 171 25.71 4.37 10.31
CA VAL A 171 25.34 2.93 10.23
C VAL A 171 25.91 2.32 8.94
N LYS A 172 26.36 1.06 9.01
CA LYS A 172 26.85 0.33 7.82
C LYS A 172 25.64 -0.05 6.97
N LEU A 173 25.68 0.30 5.70
CA LEU A 173 24.60 -0.02 4.75
C LEU A 173 24.92 -1.29 3.99
N TYR A 174 24.05 -2.29 4.14
CA TYR A 174 24.25 -3.59 3.50
C TYR A 174 23.18 -3.87 2.45
N TYR A 175 23.62 -4.55 1.42
CA TYR A 175 22.73 -5.30 0.50
C TYR A 175 22.72 -6.74 1.00
N ASN A 176 21.55 -7.34 1.17
CA ASN A 176 21.43 -8.69 1.79
C ASN A 176 20.73 -9.60 0.79
N ASP A 177 21.20 -10.84 0.65
CA ASP A 177 20.54 -11.79 -0.27
C ASP A 177 20.97 -13.22 0.05
N TYR A 178 20.21 -14.17 -0.49
CA TYR A 178 20.56 -15.60 -0.36
C TYR A 178 21.03 -16.11 -1.72
N SER A 179 21.73 -17.23 -1.70
CA SER A 179 22.25 -17.92 -2.90
C SER A 179 23.23 -17.02 -3.67
N ILE A 180 23.93 -16.18 -2.90
CA ILE A 180 25.01 -15.31 -3.37
C ILE A 180 26.32 -15.70 -2.67
N GLU A 181 26.37 -16.83 -1.97
CA GLU A 181 27.51 -17.25 -1.09
C GLU A 181 28.48 -18.16 -1.83
N TYR A 182 28.09 -18.59 -3.03
CA TYR A 182 28.85 -19.52 -3.89
C TYR A 182 28.82 -18.99 -5.31
N SER A 183 29.82 -19.31 -6.11
CA SER A 183 29.95 -18.80 -7.48
C SER A 183 28.74 -19.22 -8.30
N GLY A 184 28.21 -18.27 -9.05
CA GLY A 184 27.04 -18.45 -9.90
C GLY A 184 26.50 -17.13 -10.40
N ALA A 185 25.46 -17.17 -11.21
CA ALA A 185 24.90 -15.96 -11.83
C ALA A 185 24.47 -14.99 -10.74
N LYS A 186 23.88 -15.48 -9.65
CA LYS A 186 23.32 -14.56 -8.64
C LYS A 186 24.45 -13.87 -7.89
N ALA A 187 25.51 -14.61 -7.51
CA ALA A 187 26.66 -13.97 -6.82
C ALA A 187 27.25 -12.89 -7.73
N THR A 188 27.42 -13.18 -9.02
CA THR A 188 27.99 -12.21 -9.97
C THR A 188 27.10 -10.95 -9.96
N ALA A 189 25.80 -11.14 -10.00
CA ALA A 189 24.86 -10.00 -10.00
C ALA A 189 24.89 -9.25 -8.64
N ALA A 190 25.20 -9.90 -7.54
CA ALA A 190 25.30 -9.21 -6.22
C ALA A 190 26.57 -8.33 -6.25
N GLN A 191 27.67 -8.84 -6.82
CA GLN A 191 28.87 -7.99 -7.03
C GLN A 191 28.42 -6.78 -7.84
N ASN A 192 27.62 -7.02 -8.88
CA ASN A 192 27.25 -5.91 -9.79
C ASN A 192 26.36 -4.91 -9.08
N ILE A 193 25.60 -5.29 -8.08
CA ILE A 193 24.80 -4.32 -7.28
C ILE A 193 25.76 -3.39 -6.52
N VAL A 194 26.83 -3.96 -5.96
CA VAL A 194 27.84 -3.15 -5.24
C VAL A 194 28.32 -2.09 -6.23
N LYS A 195 28.68 -2.53 -7.44
CA LYS A 195 29.32 -1.63 -8.43
C LYS A 195 28.31 -0.56 -8.85
N MET A 196 27.06 -0.96 -9.05
CA MET A 196 26.01 -0.02 -9.53
C MET A 196 25.74 1.05 -8.47
N ILE A 197 25.70 0.67 -7.21
CA ILE A 197 25.39 1.66 -6.14
C ILE A 197 26.49 2.73 -6.12
N LYS A 198 27.74 2.29 -6.23
CA LYS A 198 28.88 3.25 -6.25
C LYS A 198 28.84 4.06 -7.55
N ALA A 199 28.46 3.52 -8.69
CA ALA A 199 28.38 4.25 -9.98
C ALA A 199 27.36 5.38 -9.88
N TYR A 200 26.32 5.14 -9.10
CA TYR A 200 25.29 6.16 -8.81
C TYR A 200 25.79 7.21 -7.80
N GLY A 201 26.93 6.99 -7.19
CA GLY A 201 27.44 7.89 -6.16
C GLY A 201 26.80 7.66 -4.82
N ALA A 202 26.08 6.55 -4.63
CA ALA A 202 25.47 6.26 -3.33
C ALA A 202 26.41 5.36 -2.52
N LYS A 203 26.18 5.27 -1.22
CA LYS A 203 27.05 4.53 -0.29
C LYS A 203 26.56 3.10 -0.09
N ILE A 204 27.46 2.14 -0.22
CA ILE A 204 27.24 0.75 0.25
C ILE A 204 28.49 0.29 1.00
N ASP A 205 28.28 -0.17 2.22
CA ASP A 205 29.37 -0.62 3.11
C ASP A 205 29.54 -2.13 3.12
N GLY A 206 28.47 -2.90 2.90
CA GLY A 206 28.53 -4.32 3.21
C GLY A 206 27.67 -5.16 2.30
N VAL A 207 28.08 -6.42 2.12
CA VAL A 207 27.23 -7.45 1.50
C VAL A 207 26.88 -8.45 2.60
N GLY A 208 25.58 -8.70 2.74
CA GLY A 208 25.03 -9.67 3.68
C GLY A 208 24.68 -10.95 2.96
N LEU A 209 25.30 -12.04 3.40
CA LEU A 209 25.16 -13.34 2.76
C LEU A 209 24.29 -14.16 3.69
N GLN A 210 23.05 -14.44 3.31
CA GLN A 210 22.08 -15.06 4.24
C GLN A 210 22.58 -16.42 4.74
N ALA A 211 23.11 -17.26 3.84
CA ALA A 211 23.64 -18.59 4.23
C ALA A 211 22.54 -19.49 4.79
N HIS A 212 21.41 -19.58 4.07
CA HIS A 212 20.40 -20.64 4.32
C HIS A 212 20.81 -21.87 3.53
N PHE A 213 21.67 -22.68 4.15
CA PHE A 213 22.35 -23.81 3.46
C PHE A 213 21.60 -25.11 3.79
N ILE A 214 21.99 -26.16 3.09
CA ILE A 214 21.38 -27.49 3.22
C ILE A 214 22.46 -28.48 3.68
N VAL A 215 22.14 -29.35 4.65
CA VAL A 215 23.11 -30.32 5.19
C VAL A 215 23.50 -31.26 4.05
N GLY A 216 24.81 -31.41 3.85
CA GLY A 216 25.36 -32.28 2.79
C GLY A 216 25.39 -31.62 1.42
N SER A 217 24.83 -30.42 1.27
CA SER A 217 24.88 -29.62 0.03
C SER A 217 25.42 -28.21 0.35
N THR A 218 26.17 -28.05 1.45
CA THR A 218 26.74 -26.75 1.85
C THR A 218 27.97 -26.51 1.00
N PRO A 219 28.19 -25.29 0.49
CA PRO A 219 29.45 -25.01 -0.19
C PRO A 219 30.66 -25.30 0.70
N SER A 220 31.74 -25.76 0.08
CA SER A 220 33.00 -26.03 0.79
C SER A 220 33.57 -24.75 1.39
N GLN A 221 34.40 -24.88 2.41
CA GLN A 221 35.11 -23.74 3.00
C GLN A 221 35.81 -22.95 1.89
N SER A 222 36.47 -23.65 0.98
CA SER A 222 37.26 -23.00 -0.09
C SER A 222 36.34 -22.20 -1.03
N ASP A 223 35.20 -22.75 -1.45
CA ASP A 223 34.25 -22.08 -2.35
C ASP A 223 33.69 -20.84 -1.61
N LEU A 224 33.40 -20.98 -0.32
CA LEU A 224 32.82 -19.86 0.47
C LEU A 224 33.85 -18.73 0.59
N THR A 225 35.08 -19.07 0.82
CA THR A 225 36.19 -18.11 1.03
C THR A 225 36.41 -17.35 -0.28
N THR A 226 36.38 -18.04 -1.42
CA THR A 226 36.59 -17.40 -2.74
C THR A 226 35.53 -16.32 -2.88
N VAL A 227 34.28 -16.65 -2.54
CA VAL A 227 33.19 -15.68 -2.75
C VAL A 227 33.32 -14.53 -1.74
N LEU A 228 33.64 -14.82 -0.49
CA LEU A 228 33.81 -13.72 0.51
C LEU A 228 34.87 -12.74 -0.01
N LYS A 229 36.01 -13.28 -0.47
CA LYS A 229 37.11 -12.39 -0.95
C LYS A 229 36.67 -11.66 -2.21
N GLY A 230 35.83 -12.28 -3.05
CA GLY A 230 35.32 -11.62 -4.25
C GLY A 230 34.57 -10.35 -3.89
N TYR A 231 33.86 -10.35 -2.76
CA TYR A 231 33.13 -9.12 -2.33
C TYR A 231 34.12 -8.18 -1.66
N THR A 232 34.96 -8.66 -0.76
CA THR A 232 35.82 -7.73 0.01
C THR A 232 36.80 -7.05 -0.96
N ALA A 233 37.14 -7.68 -2.08
CA ALA A 233 38.03 -7.09 -3.10
C ALA A 233 37.42 -5.81 -3.68
N LEU A 234 36.09 -5.66 -3.59
CA LEU A 234 35.39 -4.50 -4.15
C LEU A 234 35.33 -3.35 -3.14
N GLY A 235 35.93 -3.48 -1.97
CA GLY A 235 36.00 -2.40 -0.97
C GLY A 235 34.72 -2.29 -0.18
N VAL A 236 34.10 -3.42 0.09
CA VAL A 236 33.01 -3.55 1.09
C VAL A 236 33.39 -4.61 2.12
N GLU A 237 32.73 -4.58 3.25
CA GLU A 237 32.81 -5.67 4.25
C GLU A 237 31.73 -6.73 3.92
N VAL A 238 31.82 -7.86 4.59
CA VAL A 238 30.84 -8.94 4.41
C VAL A 238 30.48 -9.54 5.75
N ALA A 239 29.33 -10.21 5.79
CA ALA A 239 28.91 -10.95 6.98
C ALA A 239 27.97 -12.06 6.51
N TYR A 240 27.98 -13.15 7.25
CA TYR A 240 26.92 -14.18 7.11
C TYR A 240 25.81 -13.73 8.03
N THR A 241 24.64 -13.49 7.45
CA THR A 241 23.56 -12.73 8.18
C THR A 241 22.46 -13.64 8.71
N GLU A 242 22.17 -14.78 8.10
CA GLU A 242 20.99 -15.58 8.49
C GLU A 242 21.32 -17.07 8.49
N LEU A 243 22.49 -17.44 8.98
CA LEU A 243 23.02 -18.81 8.83
C LEU A 243 22.11 -19.83 9.51
N ASP A 244 21.72 -20.80 8.72
CA ASP A 244 21.14 -22.05 9.25
C ASP A 244 21.38 -23.13 8.20
N ILE A 245 21.41 -24.40 8.64
CA ILE A 245 21.78 -25.48 7.70
C ILE A 245 20.73 -26.58 7.85
N ARG A 246 19.74 -26.55 6.98
CA ARG A 246 18.51 -27.35 7.13
C ARG A 246 18.81 -28.80 6.72
N MET A 247 18.29 -29.73 7.49
CA MET A 247 18.53 -31.17 7.21
C MET A 247 17.21 -31.82 6.78
N GLN A 248 17.35 -32.77 5.86
CA GLN A 248 16.23 -33.64 5.49
C GLN A 248 15.89 -34.52 6.70
N LEU A 249 14.67 -34.42 7.18
CA LEU A 249 14.25 -35.16 8.39
C LEU A 249 13.99 -36.59 7.97
N PRO A 250 14.13 -37.58 8.87
CA PRO A 250 14.45 -37.36 10.27
C PRO A 250 15.94 -37.15 10.57
N SER A 251 16.23 -36.50 11.69
CA SER A 251 17.61 -36.34 12.20
C SER A 251 18.22 -37.72 12.45
N THR A 252 19.51 -37.86 12.17
CA THR A 252 20.34 -39.03 12.52
C THR A 252 21.70 -38.54 13.00
N ALA A 253 22.44 -39.41 13.69
CA ALA A 253 23.79 -39.07 14.14
C ALA A 253 24.64 -38.67 12.93
N ALA A 254 24.48 -39.37 11.78
CA ALA A 254 25.29 -39.10 10.57
C ALA A 254 24.95 -37.69 10.06
N LYS A 255 23.68 -37.35 10.00
CA LYS A 255 23.23 -36.02 9.51
C LYS A 255 23.73 -34.95 10.48
N LEU A 256 23.70 -35.20 11.79
CA LEU A 256 24.17 -34.18 12.78
C LEU A 256 25.66 -33.94 12.63
N ALA A 257 26.41 -35.00 12.32
CA ALA A 257 27.86 -34.93 12.10
C ALA A 257 28.13 -34.11 10.82
N GLN A 258 27.39 -34.40 9.75
CA GLN A 258 27.55 -33.68 8.46
C GLN A 258 27.19 -32.21 8.69
N GLN A 259 26.12 -31.96 9.42
CA GLN A 259 25.71 -30.56 9.74
C GLN A 259 26.84 -29.84 10.48
N SER A 260 27.48 -30.50 11.44
CA SER A 260 28.61 -29.91 12.17
C SER A 260 29.74 -29.51 11.20
N THR A 261 30.15 -30.42 10.30
CA THR A 261 31.20 -30.15 9.28
C THR A 261 30.78 -28.94 8.42
N ASP A 262 29.52 -28.91 8.03
CA ASP A 262 28.97 -27.82 7.18
C ASP A 262 29.07 -26.47 7.91
N PHE A 263 28.59 -26.40 9.16
CA PHE A 263 28.69 -25.17 9.97
C PHE A 263 30.16 -24.75 10.16
N GLN A 264 31.03 -25.75 10.42
CA GLN A 264 32.45 -25.47 10.72
C GLN A 264 33.07 -24.75 9.52
N GLY A 265 32.71 -25.17 8.29
CA GLY A 265 33.28 -24.55 7.09
C GLY A 265 32.85 -23.10 6.88
N VAL A 266 31.63 -22.77 7.29
CA VAL A 266 31.10 -21.39 7.17
C VAL A 266 31.86 -20.48 8.13
N ALA A 267 31.97 -20.89 9.38
CA ALA A 267 32.69 -20.09 10.39
C ALA A 267 34.14 -19.95 9.94
N ALA A 268 34.77 -21.02 9.44
CA ALA A 268 36.19 -20.98 9.07
C ALA A 268 36.40 -20.06 7.87
N ALA A 269 35.46 -20.04 6.92
CA ALA A 269 35.56 -19.15 5.74
C ALA A 269 35.58 -17.68 6.23
N CYS A 270 34.68 -17.32 7.12
CA CYS A 270 34.61 -15.95 7.68
C CYS A 270 35.91 -15.61 8.40
N VAL A 271 36.39 -16.49 9.26
CA VAL A 271 37.67 -16.26 10.00
C VAL A 271 38.82 -16.05 9.01
N SER A 272 38.83 -16.71 7.85
N SER A 272 38.81 -16.71 7.86
CA SER A 272 39.94 -16.64 6.87
CA SER A 272 39.93 -16.69 6.86
C SER A 272 39.97 -15.28 6.17
C SER A 272 39.87 -15.45 5.98
N THR A 273 38.82 -14.63 6.11
CA THR A 273 38.58 -13.47 5.23
C THR A 273 38.66 -12.18 6.01
N THR A 274 39.72 -11.39 5.82
CA THR A 274 39.73 -10.04 6.37
C THR A 274 38.54 -9.28 5.73
N GLY A 275 37.76 -8.66 6.56
CA GLY A 275 36.58 -7.93 6.07
C GLY A 275 35.29 -8.70 6.29
N CYS A 276 35.37 -9.95 6.73
CA CYS A 276 34.18 -10.68 7.23
C CYS A 276 34.02 -10.34 8.70
N VAL A 277 33.06 -9.51 9.00
CA VAL A 277 32.94 -8.92 10.35
C VAL A 277 32.20 -9.85 11.31
N GLY A 278 31.46 -10.83 10.83
CA GLY A 278 30.71 -11.65 11.79
C GLY A 278 29.77 -12.63 11.16
N VAL A 279 29.21 -13.43 12.02
CA VAL A 279 28.19 -14.45 11.64
C VAL A 279 27.00 -14.26 12.56
N THR A 280 25.82 -14.28 11.97
CA THR A 280 24.53 -14.30 12.68
C THR A 280 23.80 -15.58 12.28
N ILE A 281 23.41 -16.42 13.22
CA ILE A 281 22.55 -17.58 12.93
C ILE A 281 21.09 -17.15 13.02
N TRP A 282 20.25 -17.73 12.19
CA TRP A 282 18.84 -17.28 12.09
C TRP A 282 18.03 -17.95 13.21
N ASP A 283 18.15 -17.33 14.38
CA ASP A 283 17.79 -17.92 15.70
C ASP A 283 18.78 -19.03 16.03
N TRP A 284 18.63 -19.65 17.20
CA TRP A 284 19.73 -20.50 17.67
C TRP A 284 19.22 -21.86 18.12
N THR A 285 17.93 -22.01 18.37
CA THR A 285 17.33 -23.30 18.78
C THR A 285 16.38 -23.75 17.67
N ASP A 286 16.41 -25.06 17.39
CA ASP A 286 15.49 -25.69 16.43
C ASP A 286 14.01 -25.45 16.79
N LYS A 287 13.73 -25.22 18.07
CA LYS A 287 12.35 -24.94 18.50
C LYS A 287 11.70 -23.80 17.70
N TYR A 288 12.47 -22.76 17.40
CA TYR A 288 11.92 -21.50 16.88
C TYR A 288 12.35 -21.30 15.42
N SER A 289 13.02 -22.27 14.80
CA SER A 289 13.51 -22.09 13.40
C SER A 289 12.32 -21.87 12.46
N TRP A 290 12.48 -20.92 11.55
CA TRP A 290 11.52 -20.66 10.44
C TRP A 290 11.48 -21.83 9.45
N VAL A 291 12.44 -22.78 9.48
CA VAL A 291 12.62 -23.72 8.35
C VAL A 291 11.46 -24.68 8.15
N PRO A 292 11.01 -25.44 9.17
CA PRO A 292 10.09 -26.55 8.91
C PRO A 292 8.79 -26.08 8.28
N SER A 293 8.33 -24.87 8.57
CA SER A 293 7.05 -24.36 8.02
C SER A 293 7.22 -23.91 6.56
N VAL A 294 8.45 -23.78 6.06
CA VAL A 294 8.71 -23.26 4.69
C VAL A 294 9.24 -24.37 3.79
N PHE A 295 10.08 -25.25 4.30
CA PHE A 295 10.84 -26.24 3.47
C PHE A 295 10.32 -27.64 3.80
N GLN A 296 9.45 -28.20 2.94
CA GLN A 296 8.72 -29.45 3.29
C GLN A 296 9.72 -30.58 3.58
N GLY A 297 9.60 -31.20 4.73
CA GLY A 297 10.43 -32.37 5.07
C GLY A 297 11.80 -31.96 5.62
N TYR A 298 12.05 -30.64 5.79
CA TYR A 298 13.37 -30.18 6.26
C TYR A 298 13.22 -29.56 7.65
N GLY A 299 14.32 -29.55 8.37
CA GLY A 299 14.30 -29.00 9.73
C GLY A 299 15.62 -29.14 10.46
N ALA A 300 15.54 -29.14 11.79
CA ALA A 300 16.67 -29.28 12.72
C ALA A 300 17.89 -28.51 12.26
N PRO A 301 17.76 -27.18 11.97
CA PRO A 301 18.80 -26.47 11.23
C PRO A 301 19.88 -25.74 12.03
N LEU A 302 19.79 -25.77 13.35
CA LEU A 302 20.54 -24.81 14.19
C LEU A 302 21.49 -25.52 15.15
N PRO A 303 22.34 -24.80 15.89
CA PRO A 303 23.31 -25.45 16.77
C PRO A 303 22.79 -25.92 18.12
N TRP A 304 21.57 -25.56 18.48
CA TRP A 304 20.89 -26.11 19.67
C TRP A 304 19.58 -26.77 19.24
N ASP A 305 19.20 -27.82 19.95
CA ASP A 305 17.98 -28.58 19.63
C ASP A 305 16.76 -27.89 20.29
N GLU A 306 15.60 -28.51 20.11
CA GLU A 306 14.29 -27.94 20.56
C GLU A 306 14.18 -27.90 22.09
N ASN A 307 15.09 -28.55 22.82
CA ASN A 307 15.16 -28.48 24.31
C ASN A 307 16.26 -27.55 24.77
N TYR A 308 16.82 -26.72 23.90
CA TYR A 308 17.93 -25.79 24.21
C TYR A 308 19.19 -26.55 24.61
N VAL A 309 19.40 -27.75 24.07
CA VAL A 309 20.63 -28.52 24.32
C VAL A 309 21.49 -28.46 23.07
N LYS A 310 22.79 -28.26 23.26
CA LYS A 310 23.78 -28.16 22.16
C LYS A 310 23.73 -29.42 21.29
N LYS A 311 23.81 -29.18 20.00
CA LYS A 311 24.00 -30.25 18.98
C LYS A 311 25.47 -30.25 18.58
N PRO A 312 25.93 -31.28 17.84
CA PRO A 312 27.31 -31.29 17.39
C PRO A 312 27.71 -30.02 16.60
N ALA A 313 26.76 -29.41 15.89
CA ALA A 313 27.05 -28.16 15.13
C ALA A 313 27.62 -27.07 16.07
N TYR A 314 27.29 -27.05 17.36
CA TYR A 314 27.89 -26.04 18.27
C TYR A 314 29.40 -26.24 18.30
N ASP A 315 29.85 -27.48 18.45
CA ASP A 315 31.29 -27.83 18.44
C ASP A 315 31.90 -27.54 17.06
N GLY A 316 31.17 -27.79 15.97
CA GLY A 316 31.69 -27.52 14.63
C GLY A 316 31.95 -26.05 14.46
N LEU A 317 31.02 -25.22 14.93
CA LEU A 317 31.20 -23.76 14.92
C LEU A 317 32.43 -23.37 15.74
N MET A 318 32.52 -23.89 16.95
CA MET A 318 33.67 -23.56 17.84
C MET A 318 34.97 -23.94 17.13
N ALA A 319 35.02 -25.07 16.45
CA ALA A 319 36.23 -25.53 15.72
C ALA A 319 36.53 -24.56 14.56
N GLY A 320 35.51 -24.19 13.78
CA GLY A 320 35.66 -23.23 12.67
C GLY A 320 36.09 -21.86 13.13
N LEU A 321 35.77 -21.47 14.37
CA LEU A 321 36.21 -20.19 14.94
C LEU A 321 37.58 -20.33 15.61
N GLY A 322 38.16 -21.52 15.51
CA GLY A 322 39.51 -21.77 16.03
C GLY A 322 39.53 -21.80 17.54
N ALA A 323 38.46 -22.22 18.20
CA ALA A 323 38.48 -22.41 19.67
C ALA A 323 38.87 -23.87 19.98
N ALA B 5 -13.12 20.15 -29.80
CA ALA B 5 -14.48 19.83 -30.27
C ALA B 5 -15.43 19.69 -29.06
N GLY B 6 -14.94 19.49 -27.83
CA GLY B 6 -15.87 19.48 -26.68
C GLY B 6 -15.16 19.14 -25.37
N LEU B 7 -15.92 19.01 -24.28
CA LEU B 7 -15.34 18.83 -22.94
C LEU B 7 -14.66 17.45 -22.83
N ASN B 8 -15.30 16.43 -23.38
CA ASN B 8 -14.79 15.04 -23.30
C ASN B 8 -13.62 14.88 -24.27
N THR B 9 -13.73 15.43 -25.48
CA THR B 9 -12.58 15.43 -26.43
C THR B 9 -11.37 16.10 -25.78
N ALA B 10 -11.58 17.26 -25.16
CA ALA B 10 -10.51 18.04 -24.52
C ALA B 10 -9.94 17.24 -23.35
N ALA B 11 -10.80 16.69 -22.49
CA ALA B 11 -10.33 15.93 -21.31
C ALA B 11 -9.41 14.77 -21.74
N LYS B 12 -9.85 14.01 -22.75
CA LYS B 12 -9.16 12.80 -23.19
C LYS B 12 -7.86 13.21 -23.85
N ALA B 13 -7.81 14.37 -24.49
CA ALA B 13 -6.55 14.88 -25.09
C ALA B 13 -5.50 15.15 -24.02
N LYS B 14 -5.89 15.36 -22.74
CA LYS B 14 -4.94 15.57 -21.63
C LYS B 14 -4.79 14.32 -20.76
N GLY B 15 -5.26 13.17 -21.20
CA GLY B 15 -5.05 11.88 -20.51
C GLY B 15 -6.15 11.57 -19.50
N LEU B 16 -7.18 12.41 -19.36
CA LEU B 16 -8.37 12.01 -18.54
C LEU B 16 -9.09 10.90 -19.28
N LYS B 17 -9.77 10.01 -18.55
CA LYS B 17 -10.58 8.93 -19.14
C LYS B 17 -11.88 9.53 -19.67
N TYR B 18 -12.28 10.64 -19.05
CA TYR B 18 -13.55 11.22 -19.48
C TYR B 18 -13.93 12.54 -18.84
N PHE B 19 -14.75 13.29 -19.56
CA PHE B 19 -15.62 14.32 -18.95
C PHE B 19 -17.04 13.79 -19.08
N GLY B 20 -17.81 13.86 -18.00
CA GLY B 20 -19.14 13.24 -18.03
C GLY B 20 -20.18 14.05 -17.29
N SER B 21 -21.39 13.53 -17.27
CA SER B 21 -22.53 14.17 -16.63
C SER B 21 -23.39 13.13 -15.93
N ALA B 22 -23.94 13.51 -14.78
CA ALA B 22 -25.08 12.80 -14.20
C ALA B 22 -26.35 13.08 -15.03
N THR B 23 -27.34 12.22 -14.85
CA THR B 23 -28.70 12.48 -15.37
C THR B 23 -29.70 11.85 -14.43
N ASP B 24 -30.98 11.90 -14.79
CA ASP B 24 -31.99 11.13 -14.04
C ASP B 24 -33.08 10.70 -15.03
N ASN B 25 -33.69 9.57 -14.76
CA ASN B 25 -34.63 8.92 -15.71
C ASN B 25 -35.71 9.87 -16.18
N PRO B 26 -36.35 10.70 -15.34
CA PRO B 26 -37.42 11.60 -15.82
C PRO B 26 -36.96 12.44 -17.01
N GLU B 27 -35.66 12.76 -17.06
CA GLU B 27 -35.11 13.67 -18.08
C GLU B 27 -34.99 12.98 -19.42
N LEU B 28 -35.06 11.64 -19.45
CA LEU B 28 -34.71 10.88 -20.69
C LEU B 28 -35.88 10.92 -21.67
N THR B 29 -36.99 11.53 -21.28
CA THR B 29 -38.13 11.73 -22.20
C THR B 29 -38.04 13.11 -22.86
N ASP B 30 -37.05 13.90 -22.51
CA ASP B 30 -36.85 15.24 -23.14
C ASP B 30 -35.88 15.06 -24.29
N SER B 31 -36.36 15.05 -25.54
CA SER B 31 -35.53 14.62 -26.69
C SER B 31 -34.37 15.59 -26.92
N ALA B 32 -34.56 16.90 -26.77
CA ALA B 32 -33.48 17.90 -26.91
C ALA B 32 -32.43 17.68 -25.81
N TYR B 33 -32.88 17.43 -24.59
CA TYR B 33 -31.96 17.11 -23.48
C TYR B 33 -31.12 15.88 -23.82
N VAL B 34 -31.77 14.78 -24.21
CA VAL B 34 -31.08 13.49 -24.51
C VAL B 34 -30.08 13.68 -25.64
N ALA B 35 -30.35 14.50 -26.67
CA ALA B 35 -29.43 14.69 -27.80
C ALA B 35 -28.12 15.28 -27.30
N GLN B 36 -28.17 16.20 -26.34
CA GLN B 36 -26.94 16.85 -25.81
C GLN B 36 -26.28 15.94 -24.78
N LEU B 37 -27.04 15.22 -23.95
CA LEU B 37 -26.43 14.22 -23.02
C LEU B 37 -25.66 13.16 -23.83
N SER B 38 -26.17 12.84 -25.02
CA SER B 38 -25.64 11.79 -25.93
C SER B 38 -24.54 12.32 -26.85
N ASN B 39 -24.17 13.60 -26.69
CA ASN B 39 -23.10 14.22 -27.47
C ASN B 39 -21.77 13.84 -26.82
N THR B 40 -21.07 12.87 -27.39
CA THR B 40 -19.81 12.31 -26.82
C THR B 40 -18.64 13.28 -27.05
N ASP B 41 -18.81 14.37 -27.79
CA ASP B 41 -17.76 15.42 -27.82
C ASP B 41 -17.74 16.06 -26.42
N ASP B 42 -18.91 16.22 -25.77
CA ASP B 42 -19.01 16.84 -24.42
C ASP B 42 -19.01 15.78 -23.33
N PHE B 43 -19.68 14.64 -23.52
CA PHE B 43 -19.82 13.68 -22.38
C PHE B 43 -19.42 12.27 -22.79
N GLY B 44 -18.37 11.75 -22.15
CA GLY B 44 -17.88 10.39 -22.40
C GLY B 44 -18.31 9.43 -21.32
N GLN B 45 -19.15 9.91 -20.39
CA GLN B 45 -19.44 9.16 -19.16
C GLN B 45 -20.74 9.68 -18.57
N ILE B 46 -21.52 8.78 -17.97
CA ILE B 46 -22.85 9.10 -17.36
C ILE B 46 -22.87 8.53 -15.95
N THR B 47 -23.48 9.23 -15.01
CA THR B 47 -23.89 8.70 -13.69
C THR B 47 -25.41 8.76 -13.58
N PRO B 48 -26.07 7.68 -13.15
CA PRO B 48 -27.49 7.74 -12.78
C PRO B 48 -27.62 8.51 -11.47
N GLY B 49 -28.34 9.63 -11.48
CA GLY B 49 -28.46 10.48 -10.29
C GLY B 49 -29.26 9.79 -9.18
N ASN B 50 -30.21 8.91 -9.52
CA ASN B 50 -31.10 8.30 -8.50
C ASN B 50 -31.31 6.80 -8.69
N SER B 51 -31.31 6.29 -9.92
CA SER B 51 -31.95 4.99 -10.16
C SER B 51 -31.06 3.79 -9.78
N MET B 52 -29.85 3.99 -9.23
CA MET B 52 -29.06 2.88 -8.66
C MET B 52 -28.90 3.02 -7.15
N LYS B 53 -29.62 3.93 -6.51
CA LYS B 53 -29.62 4.07 -5.05
C LYS B 53 -30.46 2.96 -4.42
N TRP B 54 -30.32 2.84 -3.10
CA TRP B 54 -30.89 1.68 -2.38
C TRP B 54 -32.43 1.73 -2.48
N ASP B 55 -33.05 2.89 -2.35
CA ASP B 55 -34.53 2.97 -2.40
C ASP B 55 -35.02 2.60 -3.80
N ALA B 56 -34.28 2.90 -4.85
CA ALA B 56 -34.61 2.57 -6.26
C ALA B 56 -34.39 1.09 -6.56
N THR B 57 -33.35 0.47 -6.00
CA THR B 57 -32.92 -0.88 -6.44
C THR B 57 -33.46 -1.97 -5.51
N GLU B 58 -33.74 -1.67 -4.25
CA GLU B 58 -34.25 -2.72 -3.32
C GLU B 58 -35.33 -2.10 -2.44
N PRO B 59 -36.46 -1.68 -3.05
CA PRO B 59 -37.48 -0.94 -2.32
C PRO B 59 -38.20 -1.77 -1.25
N SER B 60 -38.15 -3.09 -1.41
CA SER B 60 -38.52 -4.03 -0.32
C SER B 60 -37.39 -5.02 -0.18
N GLN B 61 -37.24 -5.62 0.98
CA GLN B 61 -36.07 -6.48 1.25
C GLN B 61 -36.08 -7.68 0.31
N ASN B 62 -35.01 -7.87 -0.45
N ASN B 62 -34.90 -7.95 -0.25
CA ASN B 62 -34.86 -9.06 -1.31
CA ASN B 62 -34.59 -9.04 -1.21
C ASN B 62 -35.65 -8.86 -2.61
C ASN B 62 -35.60 -9.00 -2.35
N SER B 63 -36.27 -7.69 -2.81
N SER B 63 -36.11 -7.82 -2.72
CA SER B 63 -37.15 -7.44 -3.98
CA SER B 63 -36.97 -7.60 -3.91
C SER B 63 -36.49 -6.39 -4.87
C SER B 63 -36.33 -6.47 -4.71
N PHE B 64 -35.63 -6.82 -5.79
CA PHE B 64 -34.78 -5.88 -6.55
C PHE B 64 -35.54 -5.34 -7.74
N SER B 65 -35.26 -4.09 -8.07
N SER B 65 -35.25 -4.09 -8.13
CA SER B 65 -35.85 -3.37 -9.22
CA SER B 65 -35.91 -3.36 -9.24
C SER B 65 -34.69 -2.71 -9.94
C SER B 65 -34.85 -2.57 -10.03
N PHE B 66 -34.44 -3.13 -11.17
CA PHE B 66 -33.33 -2.61 -11.99
C PHE B 66 -33.78 -1.89 -13.26
N ALA B 67 -35.08 -1.85 -13.59
CA ALA B 67 -35.49 -1.25 -14.88
C ALA B 67 -34.95 0.17 -15.03
N ASN B 68 -35.07 1.01 -14.02
CA ASN B 68 -34.68 2.43 -14.19
C ASN B 68 -33.15 2.53 -14.29
N GLY B 69 -32.42 1.79 -13.44
CA GLY B 69 -30.95 1.82 -13.55
C GLY B 69 -30.51 1.29 -14.90
N ASP B 70 -31.18 0.25 -15.37
CA ASP B 70 -30.79 -0.42 -16.63
C ASP B 70 -31.06 0.54 -17.80
N ALA B 71 -32.10 1.36 -17.71
CA ALA B 71 -32.39 2.36 -18.77
C ALA B 71 -31.22 3.32 -18.93
N VAL B 72 -30.58 3.71 -17.83
CA VAL B 72 -29.45 4.65 -17.95
C VAL B 72 -28.25 3.91 -18.56
N VAL B 73 -27.99 2.71 -18.09
CA VAL B 73 -26.88 1.90 -18.62
C VAL B 73 -27.10 1.70 -20.13
N ASN B 74 -28.33 1.44 -20.54
CA ASN B 74 -28.62 1.16 -21.98
C ASN B 74 -28.31 2.40 -22.81
N LEU B 75 -28.65 3.59 -22.32
CA LEU B 75 -28.36 4.86 -23.05
C LEU B 75 -26.85 5.04 -23.16
N ALA B 76 -26.10 4.89 -22.06
CA ALA B 76 -24.63 4.99 -22.11
C ALA B 76 -24.06 4.00 -23.12
N ASN B 77 -24.56 2.78 -23.09
CA ASN B 77 -24.11 1.70 -23.99
C ASN B 77 -24.37 2.12 -25.44
N LYS B 78 -25.55 2.66 -25.73
CA LYS B 78 -25.91 3.10 -27.09
C LYS B 78 -24.92 4.16 -27.54
N ASN B 79 -24.51 5.07 -26.63
CA ASN B 79 -23.67 6.24 -26.96
C ASN B 79 -22.19 5.92 -26.92
N GLY B 80 -21.77 4.77 -26.38
CA GLY B 80 -20.36 4.44 -26.14
C GLY B 80 -19.82 5.25 -24.97
N GLN B 81 -20.67 5.56 -24.00
CA GLN B 81 -20.23 6.30 -22.79
C GLN B 81 -19.90 5.33 -21.68
N LEU B 82 -18.94 5.69 -20.83
CA LEU B 82 -18.68 4.97 -19.56
C LEU B 82 -19.82 5.23 -18.58
N MET B 83 -19.98 4.35 -17.62
CA MET B 83 -20.90 4.53 -16.48
C MET B 83 -20.08 4.73 -15.19
N ARG B 84 -20.51 5.63 -14.33
CA ARG B 84 -20.18 5.53 -12.90
C ARG B 84 -21.46 5.09 -12.21
N CYS B 85 -21.37 4.10 -11.34
CA CYS B 85 -22.54 3.48 -10.70
C CYS B 85 -22.60 3.99 -9.25
N HIS B 86 -23.76 4.45 -8.82
CA HIS B 86 -23.90 5.33 -7.65
C HIS B 86 -25.26 5.01 -7.01
N THR B 87 -25.33 4.63 -5.73
CA THR B 87 -24.28 4.36 -4.78
C THR B 87 -24.80 3.22 -3.87
N LEU B 88 -23.93 2.37 -3.36
CA LEU B 88 -24.39 1.12 -2.69
C LEU B 88 -24.80 1.35 -1.26
N VAL B 89 -23.99 2.00 -0.46
CA VAL B 89 -24.21 2.16 1.01
C VAL B 89 -24.21 3.64 1.35
N TRP B 90 -25.34 4.17 1.79
CA TRP B 90 -25.52 5.61 2.02
C TRP B 90 -26.64 5.78 3.02
N HIS B 91 -26.54 6.75 3.91
CA HIS B 91 -27.58 7.04 4.92
C HIS B 91 -28.82 7.70 4.33
N SER B 92 -28.73 8.23 3.11
N SER B 92 -28.73 8.36 3.17
CA SER B 92 -29.85 8.97 2.47
CA SER B 92 -29.89 9.02 2.52
C SER B 92 -30.51 8.11 1.39
C SER B 92 -30.54 8.05 1.53
N GLN B 93 -31.78 8.32 1.16
CA GLN B 93 -32.55 7.53 0.15
C GLN B 93 -32.52 6.04 0.49
N LEU B 94 -32.56 5.72 1.77
CA LEU B 94 -32.86 4.35 2.23
C LEU B 94 -34.36 4.14 2.20
N PRO B 95 -34.80 2.95 1.80
CA PRO B 95 -36.20 2.59 1.96
C PRO B 95 -36.50 2.41 3.45
N ASN B 96 -37.80 2.50 3.74
CA ASN B 96 -38.32 2.40 5.11
C ASN B 96 -37.81 1.12 5.77
N TRP B 97 -37.81 0.00 5.05
CA TRP B 97 -37.48 -1.27 5.74
C TRP B 97 -36.06 -1.22 6.33
N VAL B 98 -35.15 -0.42 5.77
CA VAL B 98 -33.79 -0.34 6.34
C VAL B 98 -33.86 0.56 7.58
N SER B 99 -34.41 1.76 7.44
N SER B 99 -34.45 1.74 7.47
CA SER B 99 -34.49 2.74 8.54
CA SER B 99 -34.45 2.74 8.56
C SER B 99 -35.21 2.15 9.75
C SER B 99 -35.33 2.31 9.74
N SER B 100 -36.34 1.45 9.52
CA SER B 100 -37.31 1.07 10.58
C SER B 100 -36.98 -0.31 11.14
N GLY B 101 -36.01 -1.03 10.61
CA GLY B 101 -35.75 -2.36 11.12
C GLY B 101 -35.24 -2.41 12.53
N SER B 102 -35.52 -3.50 13.26
N SER B 102 -35.67 -3.41 13.29
CA SER B 102 -35.02 -3.75 14.63
CA SER B 102 -35.02 -3.80 14.56
C SER B 102 -33.76 -4.63 14.59
C SER B 102 -33.87 -4.71 14.20
N TRP B 103 -32.71 -4.12 13.96
CA TRP B 103 -31.55 -4.90 13.48
C TRP B 103 -30.68 -5.31 14.63
N THR B 104 -29.98 -6.41 14.41
CA THR B 104 -28.74 -6.74 15.16
C THR B 104 -27.59 -6.48 14.21
N ASN B 105 -26.37 -6.54 14.72
CA ASN B 105 -25.22 -6.51 13.80
C ASN B 105 -25.36 -7.59 12.74
N ALA B 106 -25.68 -8.83 13.13
CA ALA B 106 -25.76 -9.94 12.17
C ALA B 106 -26.83 -9.65 11.13
N THR B 107 -28.03 -9.19 11.55
CA THR B 107 -29.13 -9.08 10.56
C THR B 107 -28.89 -7.86 9.65
N LEU B 108 -28.34 -6.77 10.17
CA LEU B 108 -28.08 -5.63 9.24
C LEU B 108 -26.90 -5.95 8.32
N LEU B 109 -25.84 -6.57 8.84
CA LEU B 109 -24.75 -6.99 7.97
C LEU B 109 -25.28 -7.87 6.86
N ALA B 110 -26.14 -8.84 7.19
CA ALA B 110 -26.68 -9.74 6.14
C ALA B 110 -27.45 -8.94 5.10
N ALA B 111 -28.28 -8.00 5.55
CA ALA B 111 -29.11 -7.23 4.61
C ALA B 111 -28.24 -6.30 3.74
N MET B 112 -27.21 -5.71 4.34
CA MET B 112 -26.31 -4.80 3.60
C MET B 112 -25.50 -5.62 2.57
N LYS B 113 -24.94 -6.75 2.98
CA LYS B 113 -24.14 -7.57 2.03
C LYS B 113 -25.04 -8.10 0.92
N ASN B 114 -26.25 -8.55 1.25
CA ASN B 114 -27.23 -9.00 0.24
C ASN B 114 -27.53 -7.86 -0.75
N HIS B 115 -27.74 -6.66 -0.26
CA HIS B 115 -28.01 -5.50 -1.15
C HIS B 115 -26.83 -5.32 -2.12
N ILE B 116 -25.62 -5.23 -1.57
CA ILE B 116 -24.40 -5.02 -2.41
C ILE B 116 -24.25 -6.16 -3.41
N THR B 117 -24.28 -7.41 -2.93
CA THR B 117 -24.02 -8.57 -3.83
C THR B 117 -25.02 -8.55 -4.98
N ASN B 118 -26.30 -8.36 -4.68
CA ASN B 118 -27.31 -8.42 -5.76
C ASN B 118 -27.12 -7.26 -6.73
N VAL B 119 -26.89 -6.03 -6.24
CA VAL B 119 -26.82 -4.86 -7.18
C VAL B 119 -25.51 -4.91 -7.99
N VAL B 120 -24.39 -5.18 -7.34
CA VAL B 120 -23.09 -5.26 -8.05
C VAL B 120 -23.13 -6.43 -9.05
N THR B 121 -23.66 -7.60 -8.68
CA THR B 121 -23.72 -8.76 -9.61
C THR B 121 -24.53 -8.34 -10.84
N HIS B 122 -25.68 -7.71 -10.63
CA HIS B 122 -26.55 -7.29 -11.76
C HIS B 122 -25.81 -6.40 -12.74
N TYR B 123 -24.99 -5.47 -12.24
CA TYR B 123 -24.30 -4.44 -13.06
C TYR B 123 -22.89 -4.88 -13.40
N LYS B 124 -22.52 -6.14 -13.16
CA LYS B 124 -21.15 -6.62 -13.40
C LYS B 124 -20.79 -6.37 -14.88
N GLY B 125 -19.62 -5.75 -15.10
CA GLY B 125 -19.12 -5.43 -16.44
C GLY B 125 -19.71 -4.18 -17.05
N LYS B 126 -20.61 -3.48 -16.35
CA LYS B 126 -21.29 -2.30 -16.93
C LYS B 126 -20.72 -0.98 -16.38
N CYS B 127 -20.01 -1.01 -15.25
CA CYS B 127 -19.60 0.20 -14.50
C CYS B 127 -18.10 0.34 -14.60
N TYR B 128 -17.64 1.56 -14.89
CA TYR B 128 -16.20 1.92 -14.71
C TYR B 128 -15.88 1.88 -13.21
N ALA B 129 -16.78 2.48 -12.42
CA ALA B 129 -16.60 2.65 -10.97
C ALA B 129 -17.94 2.52 -10.24
N TRP B 130 -17.87 2.05 -8.99
CA TRP B 130 -18.97 2.14 -8.01
C TRP B 130 -18.58 3.12 -6.92
N ASP B 131 -19.51 4.01 -6.55
CA ASP B 131 -19.45 4.70 -5.25
C ASP B 131 -19.96 3.69 -4.23
N VAL B 132 -19.07 2.96 -3.60
CA VAL B 132 -19.45 1.84 -2.70
C VAL B 132 -20.04 2.40 -1.42
N VAL B 133 -19.34 3.32 -0.77
CA VAL B 133 -19.82 3.99 0.46
C VAL B 133 -19.81 5.49 0.16
N ASN B 134 -20.94 6.12 0.50
CA ASN B 134 -21.14 7.56 0.21
C ASN B 134 -21.29 8.28 1.56
N GLU B 135 -20.54 9.37 1.76
CA GLU B 135 -20.82 10.35 2.83
C GLU B 135 -20.84 9.68 4.21
N ALA B 136 -19.77 8.97 4.53
CA ALA B 136 -19.63 8.26 5.80
C ALA B 136 -19.12 9.18 6.91
N LEU B 137 -18.74 10.42 6.61
CA LEU B 137 -18.02 11.29 7.58
C LEU B 137 -18.85 12.49 8.02
N ASN B 138 -18.74 12.81 9.30
CA ASN B 138 -19.16 14.12 9.84
C ASN B 138 -18.13 15.19 9.43
N GLU B 139 -18.53 16.46 9.53
CA GLU B 139 -17.63 17.57 9.17
C GLU B 139 -16.37 17.58 10.06
N ASP B 140 -16.45 17.05 11.29
CA ASP B 140 -15.30 17.01 12.21
C ASP B 140 -14.43 15.78 11.97
N GLY B 141 -14.77 14.94 10.98
CA GLY B 141 -13.93 13.78 10.62
C GLY B 141 -14.31 12.50 11.35
N THR B 142 -15.22 12.58 12.31
CA THR B 142 -15.76 11.38 12.97
C THR B 142 -16.70 10.71 11.97
N PHE B 143 -17.05 9.46 12.26
CA PHE B 143 -17.99 8.72 11.41
C PHE B 143 -19.40 9.25 11.62
N ARG B 144 -20.09 9.44 10.50
CA ARG B 144 -21.52 9.79 10.52
C ARG B 144 -22.28 8.66 11.23
N ASN B 145 -23.18 9.02 12.13
CA ASN B 145 -23.96 8.06 12.95
C ASN B 145 -25.15 7.54 12.19
N SER B 146 -24.92 7.01 11.01
CA SER B 146 -25.95 6.33 10.21
C SER B 146 -26.34 4.99 10.87
N VAL B 147 -27.40 4.36 10.37
CA VAL B 147 -27.84 3.05 10.93
C VAL B 147 -26.67 2.07 10.80
N PHE B 148 -25.95 2.12 9.70
CA PHE B 148 -24.81 1.21 9.45
C PHE B 148 -23.79 1.38 10.56
N TYR B 149 -23.36 2.61 10.81
CA TYR B 149 -22.34 2.86 11.83
C TYR B 149 -22.85 2.51 13.22
N GLN B 150 -24.07 2.88 13.56
CA GLN B 150 -24.60 2.65 14.92
C GLN B 150 -24.67 1.13 15.22
N ILE B 151 -25.04 0.33 14.23
CA ILE B 151 -25.33 -1.11 14.45
C ILE B 151 -24.04 -1.91 14.24
N ILE B 152 -23.28 -1.61 13.18
CA ILE B 152 -22.14 -2.48 12.75
C ILE B 152 -20.82 -1.92 13.30
N GLY B 153 -20.73 -0.60 13.46
CA GLY B 153 -19.47 0.07 13.81
C GLY B 153 -18.64 0.30 12.56
N PRO B 154 -17.38 0.76 12.72
CA PRO B 154 -16.59 1.18 11.56
C PRO B 154 -16.32 0.11 10.48
N ALA B 155 -16.33 -1.19 10.88
CA ALA B 155 -16.14 -2.32 9.95
C ALA B 155 -17.14 -2.30 8.79
N TYR B 156 -18.28 -1.61 8.91
CA TYR B 156 -19.24 -1.65 7.79
C TYR B 156 -18.59 -1.16 6.51
N ILE B 157 -17.64 -0.22 6.62
CA ILE B 157 -17.02 0.36 5.40
C ILE B 157 -16.15 -0.68 4.71
N PRO B 158 -15.10 -1.25 5.34
CA PRO B 158 -14.32 -2.25 4.64
C PRO B 158 -15.17 -3.47 4.24
N ILE B 159 -16.12 -3.87 5.07
CA ILE B 159 -16.99 -5.01 4.72
C ILE B 159 -17.76 -4.69 3.45
N ALA B 160 -18.30 -3.47 3.34
CA ALA B 160 -18.98 -3.10 2.08
C ALA B 160 -18.05 -3.21 0.88
N PHE B 161 -16.83 -2.67 0.96
CA PHE B 161 -15.85 -2.73 -0.15
C PHE B 161 -15.50 -4.20 -0.48
N ALA B 162 -15.22 -5.01 0.52
CA ALA B 162 -14.85 -6.42 0.30
C ALA B 162 -16.00 -7.13 -0.42
N THR B 163 -17.23 -6.80 -0.03
CA THR B 163 -18.44 -7.47 -0.61
C THR B 163 -18.59 -7.06 -2.07
N ALA B 164 -18.40 -5.78 -2.39
CA ALA B 164 -18.51 -5.33 -3.79
C ALA B 164 -17.40 -6.01 -4.61
N ALA B 165 -16.17 -6.06 -4.10
CA ALA B 165 -15.01 -6.60 -4.82
C ALA B 165 -15.29 -8.07 -5.17
N ALA B 166 -15.93 -8.82 -4.28
CA ALA B 166 -16.21 -10.27 -4.46
C ALA B 166 -17.20 -10.42 -5.61
N ALA B 167 -18.18 -9.52 -5.75
CA ALA B 167 -19.23 -9.61 -6.77
C ALA B 167 -18.73 -9.09 -8.12
N ASP B 168 -17.77 -8.15 -8.12
CA ASP B 168 -17.26 -7.57 -9.40
C ASP B 168 -15.81 -7.18 -9.15
N PRO B 169 -14.85 -8.07 -9.49
CA PRO B 169 -13.45 -7.80 -9.24
C PRO B 169 -12.82 -6.70 -10.10
N ASP B 170 -13.46 -6.29 -11.18
CA ASP B 170 -12.85 -5.40 -12.21
C ASP B 170 -13.25 -3.94 -11.99
N VAL B 171 -14.46 -3.69 -11.49
CA VAL B 171 -14.97 -2.31 -11.30
C VAL B 171 -14.08 -1.56 -10.30
N LYS B 172 -13.83 -0.27 -10.55
CA LYS B 172 -13.07 0.52 -9.57
C LYS B 172 -13.97 0.84 -8.39
N LEU B 173 -13.49 0.60 -7.18
CA LEU B 173 -14.27 0.81 -5.95
C LEU B 173 -13.90 2.16 -5.34
N TYR B 174 -14.90 3.05 -5.24
CA TYR B 174 -14.69 4.41 -4.72
C TYR B 174 -15.39 4.64 -3.38
N TYR B 175 -14.71 5.41 -2.53
CA TYR B 175 -15.31 6.17 -1.42
C TYR B 175 -15.64 7.56 -1.95
N ASN B 176 -16.87 8.04 -1.77
CA ASN B 176 -17.37 9.32 -2.34
C ASN B 176 -17.85 10.23 -1.20
N ASP B 177 -17.48 11.50 -1.21
CA ASP B 177 -17.90 12.42 -0.12
C ASP B 177 -17.81 13.87 -0.60
N TYR B 178 -18.45 14.77 0.15
CA TYR B 178 -18.36 16.22 -0.10
C TYR B 178 -17.49 16.87 0.98
N SER B 179 -17.04 18.08 0.72
CA SER B 179 -16.22 18.86 1.67
C SER B 179 -14.93 18.15 2.01
N ILE B 180 -14.43 17.38 1.05
CA ILE B 180 -13.11 16.69 1.17
C ILE B 180 -12.18 17.21 0.05
N GLU B 181 -12.50 18.34 -0.59
CA GLU B 181 -11.74 18.89 -1.73
C GLU B 181 -10.71 19.94 -1.30
N TYR B 182 -10.79 20.37 -0.06
CA TYR B 182 -9.88 21.32 0.62
C TYR B 182 -9.28 20.63 1.83
N SER B 183 -8.12 21.10 2.28
CA SER B 183 -7.42 20.48 3.41
C SER B 183 -8.17 20.79 4.71
N GLY B 184 -8.48 19.77 5.48
CA GLY B 184 -9.16 19.91 6.77
C GLY B 184 -9.42 18.55 7.38
N ALA B 185 -10.11 18.57 8.51
CA ALA B 185 -10.38 17.32 9.29
C ALA B 185 -11.11 16.31 8.41
N LYS B 186 -12.01 16.77 7.55
CA LYS B 186 -12.86 15.82 6.81
C LYS B 186 -12.00 15.15 5.74
N ALA B 187 -11.22 15.90 4.98
CA ALA B 187 -10.34 15.32 3.94
C ALA B 187 -9.37 14.37 4.60
N THR B 188 -8.83 14.74 5.76
CA THR B 188 -7.86 13.86 6.47
C THR B 188 -8.56 12.55 6.87
N ALA B 189 -9.80 12.64 7.32
CA ALA B 189 -10.59 11.44 7.65
C ALA B 189 -10.89 10.58 6.42
N ALA B 190 -11.08 11.19 5.27
CA ALA B 190 -11.29 10.46 4.01
C ALA B 190 -9.95 9.75 3.66
N GLN B 191 -8.81 10.44 3.78
CA GLN B 191 -7.50 9.73 3.60
C GLN B 191 -7.48 8.53 4.55
N ASN B 192 -7.90 8.70 5.80
CA ASN B 192 -7.83 7.63 6.82
C ASN B 192 -8.78 6.47 6.46
N ILE B 193 -9.90 6.74 5.80
CA ILE B 193 -10.78 5.63 5.31
C ILE B 193 -10.01 4.80 4.26
N VAL B 194 -9.26 5.45 3.37
CA VAL B 194 -8.41 4.72 2.39
C VAL B 194 -7.51 3.79 3.19
N LYS B 195 -6.84 4.33 4.21
CA LYS B 195 -5.82 3.54 4.94
C LYS B 195 -6.53 2.39 5.64
N MET B 196 -7.67 2.67 6.27
CA MET B 196 -8.42 1.66 7.06
C MET B 196 -8.87 0.52 6.15
N ILE B 197 -9.33 0.79 4.96
CA ILE B 197 -9.88 -0.28 4.10
C ILE B 197 -8.71 -1.23 3.72
N LYS B 198 -7.56 -0.67 3.43
CA LYS B 198 -6.39 -1.53 3.08
C LYS B 198 -5.90 -2.27 4.33
N ALA B 199 -5.90 -1.65 5.51
CA ALA B 199 -5.49 -2.31 6.76
C ALA B 199 -6.37 -3.52 7.03
N TYR B 200 -7.64 -3.46 6.66
CA TYR B 200 -8.59 -4.59 6.78
C TYR B 200 -8.35 -5.61 5.68
N GLY B 201 -7.52 -5.32 4.68
CA GLY B 201 -7.26 -6.23 3.56
C GLY B 201 -8.29 -6.15 2.47
N ALA B 202 -9.17 -5.15 2.52
CA ALA B 202 -10.15 -4.92 1.47
C ALA B 202 -9.61 -3.96 0.43
N LYS B 203 -10.30 -3.91 -0.68
CA LYS B 203 -9.87 -3.14 -1.84
C LYS B 203 -10.55 -1.78 -1.87
N ILE B 204 -9.76 -0.69 -2.07
CA ILE B 204 -10.34 0.61 -2.49
C ILE B 204 -9.46 1.17 -3.60
N ASP B 205 -10.05 1.52 -4.74
CA ASP B 205 -9.31 2.02 -5.92
C ASP B 205 -9.32 3.55 -5.97
N GLY B 206 -10.36 4.22 -5.45
CA GLY B 206 -10.58 5.64 -5.81
C GLY B 206 -11.19 6.41 -4.65
N VAL B 207 -10.89 7.71 -4.64
CA VAL B 207 -11.66 8.69 -3.81
C VAL B 207 -12.43 9.57 -4.77
N GLY B 208 -13.72 9.66 -4.52
CA GLY B 208 -14.62 10.56 -5.26
C GLY B 208 -14.89 11.85 -4.51
N LEU B 209 -14.54 12.96 -5.13
CA LEU B 209 -14.67 14.31 -4.54
C LEU B 209 -15.88 14.95 -5.19
N GLN B 210 -16.95 15.15 -4.43
CA GLN B 210 -18.24 15.56 -5.03
C GLN B 210 -18.09 16.93 -5.71
N ALA B 211 -17.37 17.88 -5.11
CA ALA B 211 -17.16 19.22 -5.71
C ALA B 211 -18.50 19.95 -5.90
N HIS B 212 -19.35 19.97 -4.86
CA HIS B 212 -20.50 20.90 -4.80
C HIS B 212 -19.98 22.22 -4.23
N PHE B 213 -19.51 23.09 -5.12
CA PHE B 213 -18.84 24.35 -4.77
C PHE B 213 -19.82 25.53 -4.87
N ILE B 214 -19.33 26.67 -4.42
CA ILE B 214 -20.09 27.94 -4.42
C ILE B 214 -19.31 28.95 -5.26
N VAL B 215 -20.02 29.68 -6.13
CA VAL B 215 -19.38 30.72 -6.97
C VAL B 215 -18.74 31.76 -6.04
N GLY B 216 -17.48 32.04 -6.31
CA GLY B 216 -16.71 33.03 -5.54
C GLY B 216 -16.15 32.47 -4.27
N SER B 217 -16.49 31.22 -3.92
CA SER B 217 -16.00 30.55 -2.70
C SER B 217 -15.39 29.19 -3.05
N THR B 218 -14.95 29.00 -4.29
CA THR B 218 -14.39 27.72 -4.80
C THR B 218 -12.90 27.71 -4.47
N PRO B 219 -12.33 26.62 -3.97
CA PRO B 219 -10.89 26.60 -3.75
C PRO B 219 -10.11 26.88 -5.04
N SER B 220 -8.93 27.47 -4.87
CA SER B 220 -8.03 27.80 -6.00
C SER B 220 -7.55 26.50 -6.66
N GLN B 221 -7.20 26.62 -7.94
CA GLN B 221 -6.58 25.52 -8.70
C GLN B 221 -5.43 24.91 -7.88
N SER B 222 -4.55 25.73 -7.33
CA SER B 222 -3.35 25.18 -6.62
C SER B 222 -3.79 24.48 -5.33
N ASP B 223 -4.78 24.99 -4.61
CA ASP B 223 -5.27 24.32 -3.39
C ASP B 223 -5.90 22.98 -3.78
N LEU B 224 -6.74 22.97 -4.81
CA LEU B 224 -7.45 21.72 -5.25
C LEU B 224 -6.43 20.65 -5.64
N THR B 225 -5.39 21.07 -6.35
CA THR B 225 -4.35 20.14 -6.85
C THR B 225 -3.65 19.48 -5.66
N THR B 226 -3.21 20.28 -4.70
CA THR B 226 -2.51 19.74 -3.51
C THR B 226 -3.42 18.70 -2.85
N VAL B 227 -4.71 18.97 -2.69
CA VAL B 227 -5.61 18.00 -2.02
C VAL B 227 -5.75 16.74 -2.89
N LEU B 228 -5.90 16.86 -4.20
CA LEU B 228 -5.98 15.65 -5.05
C LEU B 228 -4.71 14.81 -4.88
N LYS B 229 -3.56 15.46 -4.86
CA LYS B 229 -2.28 14.72 -4.69
C LYS B 229 -2.16 14.13 -3.30
N GLY B 230 -2.82 14.67 -2.27
CA GLY B 230 -2.83 14.06 -0.94
C GLY B 230 -3.53 12.71 -0.97
N TYR B 231 -4.47 12.50 -1.89
CA TYR B 231 -5.11 11.19 -2.09
C TYR B 231 -4.23 10.31 -2.99
N THR B 232 -3.78 10.82 -4.13
CA THR B 232 -3.03 9.96 -5.07
C THR B 232 -1.74 9.51 -4.40
N ALA B 233 -1.21 10.27 -3.44
CA ALA B 233 0.00 9.89 -2.69
C ALA B 233 -0.22 8.57 -1.95
N LEU B 234 -1.47 8.23 -1.63
CA LEU B 234 -1.82 7.02 -0.84
C LEU B 234 -2.10 5.83 -1.76
N GLY B 235 -1.95 5.95 -3.08
CA GLY B 235 -2.08 4.84 -4.04
C GLY B 235 -3.53 4.58 -4.42
N VAL B 236 -4.33 5.64 -4.48
CA VAL B 236 -5.69 5.60 -5.12
C VAL B 236 -5.75 6.59 -6.27
N GLU B 237 -6.70 6.37 -7.16
CA GLU B 237 -7.06 7.37 -8.17
C GLU B 237 -8.10 8.30 -7.55
N VAL B 238 -8.36 9.40 -8.23
CA VAL B 238 -9.36 10.37 -7.77
C VAL B 238 -10.21 10.79 -8.96
N ALA B 239 -11.40 11.32 -8.66
CA ALA B 239 -12.21 12.00 -9.67
C ALA B 239 -13.07 13.01 -8.96
N TYR B 240 -13.42 14.06 -9.68
CA TYR B 240 -14.50 14.97 -9.24
C TYR B 240 -15.78 14.35 -9.78
N THR B 241 -16.71 14.03 -8.88
CA THR B 241 -17.82 13.12 -9.21
C THR B 241 -19.15 13.84 -9.38
N GLU B 242 -19.34 15.00 -8.76
CA GLU B 242 -20.68 15.65 -8.73
C GLU B 242 -20.52 17.17 -8.89
N LEU B 243 -19.60 17.59 -9.76
CA LEU B 243 -19.23 19.02 -9.82
C LEU B 243 -20.44 19.90 -10.21
N ASP B 244 -20.70 20.89 -9.38
CA ASP B 244 -21.54 22.07 -9.74
C ASP B 244 -21.05 23.24 -8.90
N ILE B 245 -21.35 24.45 -9.37
CA ILE B 245 -20.83 25.66 -8.68
C ILE B 245 -21.99 26.64 -8.55
N ARG B 246 -22.66 26.53 -7.40
CA ARG B 246 -23.96 27.22 -7.20
C ARG B 246 -23.74 28.69 -6.91
N MET B 247 -24.60 29.56 -7.44
CA MET B 247 -24.47 31.00 -7.17
C MET B 247 -25.70 31.48 -6.42
N GLN B 248 -25.50 32.52 -5.62
CA GLN B 248 -26.60 33.26 -4.99
C GLN B 248 -27.37 33.95 -6.11
N LEU B 249 -28.65 33.66 -6.22
CA LEU B 249 -29.55 34.26 -7.24
C LEU B 249 -29.83 35.70 -6.79
N PRO B 250 -30.05 36.65 -7.73
CA PRO B 250 -30.19 36.36 -9.15
C PRO B 250 -28.83 36.26 -9.85
N SER B 251 -28.83 35.53 -10.95
CA SER B 251 -27.68 35.42 -11.88
C SER B 251 -27.36 36.83 -12.38
N THR B 252 -26.08 37.14 -12.53
CA THR B 252 -25.58 38.38 -13.17
C THR B 252 -24.40 38.00 -14.06
N ALA B 253 -24.05 38.85 -15.01
CA ALA B 253 -22.92 38.55 -15.90
C ALA B 253 -21.63 38.46 -15.05
N ALA B 254 -21.49 39.27 -14.00
CA ALA B 254 -20.29 39.27 -13.13
C ALA B 254 -20.20 37.90 -12.41
N LYS B 255 -21.32 37.37 -11.96
CA LYS B 255 -21.38 36.04 -11.29
C LYS B 255 -21.03 34.95 -12.30
N LEU B 256 -21.54 35.05 -13.52
CA LEU B 256 -21.30 34.01 -14.56
C LEU B 256 -19.83 33.97 -14.89
N ALA B 257 -19.18 35.13 -14.99
CA ALA B 257 -17.73 35.20 -15.24
C ALA B 257 -16.95 34.60 -14.06
N GLN B 258 -17.32 34.90 -12.80
CA GLN B 258 -16.65 34.31 -11.63
C GLN B 258 -16.87 32.79 -11.67
N GLN B 259 -18.07 32.36 -12.04
CA GLN B 259 -18.41 30.92 -12.10
C GLN B 259 -17.49 30.24 -13.12
N SER B 260 -17.23 30.90 -14.24
CA SER B 260 -16.34 30.34 -15.27
C SER B 260 -14.93 30.17 -14.73
N THR B 261 -14.37 31.14 -14.01
CA THR B 261 -13.00 30.95 -13.50
C THR B 261 -13.03 29.87 -12.42
N ASP B 262 -14.11 29.77 -11.65
CA ASP B 262 -14.21 28.69 -10.60
C ASP B 262 -14.17 27.31 -11.27
N PHE B 263 -14.97 27.10 -12.33
CA PHE B 263 -15.03 25.82 -13.07
C PHE B 263 -13.67 25.56 -13.72
N GLN B 264 -13.08 26.60 -14.30
CA GLN B 264 -11.78 26.44 -14.99
C GLN B 264 -10.75 25.85 -14.04
N GLY B 265 -10.66 26.35 -12.80
CA GLY B 265 -9.65 25.87 -11.85
C GLY B 265 -9.88 24.43 -11.42
N VAL B 266 -11.13 23.98 -11.39
CA VAL B 266 -11.44 22.57 -11.04
C VAL B 266 -10.92 21.66 -12.16
N ALA B 267 -11.24 21.97 -13.40
CA ALA B 267 -10.77 21.18 -14.56
C ALA B 267 -9.24 21.15 -14.58
N ALA B 268 -8.60 22.29 -14.41
CA ALA B 268 -7.12 22.42 -14.49
C ALA B 268 -6.47 21.63 -13.33
N ALA B 269 -7.09 21.58 -12.15
CA ALA B 269 -6.56 20.81 -11.02
C ALA B 269 -6.51 19.33 -11.39
N CYS B 270 -7.57 18.82 -12.00
CA CYS B 270 -7.67 17.41 -12.39
C CYS B 270 -6.64 17.12 -13.49
N VAL B 271 -6.56 17.99 -14.48
CA VAL B 271 -5.57 17.83 -15.58
C VAL B 271 -4.14 17.76 -15.02
N SER B 272 -3.83 18.55 -13.99
N SER B 272 -3.83 18.53 -13.98
CA SER B 272 -2.48 18.67 -13.38
CA SER B 272 -2.46 18.66 -13.43
C SER B 272 -2.10 17.39 -12.63
C SER B 272 -2.12 17.50 -12.49
N THR B 273 -3.09 16.60 -12.22
CA THR B 273 -2.91 15.51 -11.24
C THR B 273 -2.97 14.17 -11.96
N THR B 274 -1.83 13.50 -12.07
CA THR B 274 -1.81 12.12 -12.59
C THR B 274 -2.66 11.29 -11.63
N GLY B 275 -3.54 10.50 -12.17
CA GLY B 275 -4.40 9.71 -11.28
C GLY B 275 -5.74 10.40 -11.05
N CYS B 276 -5.94 11.63 -11.53
CA CYS B 276 -7.31 12.19 -11.63
C CYS B 276 -7.89 11.74 -12.97
N VAL B 277 -8.78 10.78 -12.92
CA VAL B 277 -9.28 10.06 -14.15
C VAL B 277 -10.36 10.87 -14.86
N GLY B 278 -11.00 11.82 -14.18
CA GLY B 278 -12.08 12.53 -14.86
C GLY B 278 -12.85 13.46 -13.95
N VAL B 279 -13.78 14.15 -14.59
CA VAL B 279 -14.73 15.10 -14.01
C VAL B 279 -16.13 14.74 -14.49
N THR B 280 -17.05 14.61 -13.55
CA THR B 280 -18.49 14.48 -13.81
C THR B 280 -19.19 15.68 -13.22
N ILE B 281 -19.99 16.40 -14.01
CA ILE B 281 -20.85 17.49 -13.50
C ILE B 281 -22.19 16.89 -13.11
N TRP B 282 -22.82 17.45 -12.10
CA TRP B 282 -24.08 16.88 -11.57
C TRP B 282 -25.26 17.37 -12.42
N ASP B 283 -25.41 16.71 -13.55
CA ASP B 283 -26.26 17.14 -14.68
C ASP B 283 -25.54 18.29 -15.35
N TRP B 284 -26.08 18.80 -16.45
CA TRP B 284 -25.31 19.74 -17.28
C TRP B 284 -26.11 21.01 -17.58
N THR B 285 -27.41 20.99 -17.33
CA THR B 285 -28.29 22.17 -17.59
C THR B 285 -28.95 22.62 -16.30
N ASP B 286 -28.93 23.94 -16.05
CA ASP B 286 -29.59 24.55 -14.87
C ASP B 286 -31.05 24.13 -14.77
N LYS B 287 -31.72 23.79 -15.87
CA LYS B 287 -33.13 23.37 -15.84
C LYS B 287 -33.33 22.24 -14.83
N TYR B 288 -32.37 21.32 -14.78
CA TYR B 288 -32.55 20.03 -14.05
C TYR B 288 -31.65 19.97 -12.81
N SER B 289 -30.95 21.03 -12.46
CA SER B 289 -30.05 21.00 -11.28
C SER B 289 -30.86 20.70 -10.03
N TRP B 290 -30.29 19.86 -9.16
CA TRP B 290 -30.79 19.57 -7.80
C TRP B 290 -30.68 20.78 -6.87
N VAL B 291 -29.89 21.80 -7.23
CA VAL B 291 -29.46 22.81 -6.24
C VAL B 291 -30.62 23.66 -5.72
N PRO B 292 -31.45 24.31 -6.57
CA PRO B 292 -32.43 25.27 -6.04
C PRO B 292 -33.35 24.68 -4.98
N SER B 293 -33.70 23.41 -5.11
CA SER B 293 -34.70 22.82 -4.18
C SER B 293 -34.01 22.43 -2.86
N VAL B 294 -32.67 22.43 -2.78
CA VAL B 294 -31.93 22.07 -1.55
C VAL B 294 -31.28 23.30 -0.92
N PHE B 295 -30.74 24.23 -1.71
CA PHE B 295 -29.96 25.38 -1.20
C PHE B 295 -30.77 26.65 -1.47
N GLN B 296 -31.59 27.07 -0.51
CA GLN B 296 -32.55 28.17 -0.74
C GLN B 296 -31.81 29.44 -1.16
N GLY B 297 -32.24 30.04 -2.25
CA GLY B 297 -31.66 31.30 -2.74
C GLY B 297 -30.45 31.04 -3.62
N TYR B 298 -30.08 29.77 -3.84
CA TYR B 298 -28.96 29.39 -4.74
C TYR B 298 -29.47 28.71 -6.01
N GLY B 299 -28.68 28.82 -7.09
CA GLY B 299 -29.02 28.20 -8.36
C GLY B 299 -28.01 28.45 -9.45
N ALA B 300 -28.49 28.36 -10.70
CA ALA B 300 -27.74 28.47 -11.96
C ALA B 300 -26.33 27.86 -11.86
N PRO B 301 -26.20 26.57 -11.49
CA PRO B 301 -24.90 26.06 -11.09
C PRO B 301 -24.07 25.39 -12.15
N LEU B 302 -24.57 25.30 -13.39
CA LEU B 302 -24.00 24.37 -14.38
C LEU B 302 -23.55 25.09 -15.66
N PRO B 303 -22.85 24.41 -16.58
CA PRO B 303 -22.28 25.10 -17.73
C PRO B 303 -23.26 25.43 -18.87
N TRP B 304 -24.46 24.85 -18.84
CA TRP B 304 -25.55 25.26 -19.76
C TRP B 304 -26.72 25.80 -18.96
N ASP B 305 -27.43 26.77 -19.52
CA ASP B 305 -28.58 27.38 -18.85
C ASP B 305 -29.84 26.52 -19.09
N GLU B 306 -30.96 27.03 -18.61
CA GLU B 306 -32.24 26.29 -18.58
C GLU B 306 -32.80 26.14 -20.00
N ASN B 307 -32.26 26.86 -20.99
CA ASN B 307 -32.68 26.70 -22.41
C ASN B 307 -31.67 25.83 -23.16
N TYR B 308 -30.71 25.19 -22.47
CA TYR B 308 -29.70 24.31 -23.09
C TYR B 308 -28.72 25.14 -23.92
N VAL B 309 -28.53 26.41 -23.56
CA VAL B 309 -27.54 27.31 -24.19
C VAL B 309 -26.33 27.43 -23.27
N LYS B 310 -25.15 27.29 -23.85
CA LYS B 310 -23.88 27.39 -23.11
C LYS B 310 -23.81 28.71 -22.35
N LYS B 311 -23.26 28.60 -21.13
CA LYS B 311 -22.87 29.72 -20.26
C LYS B 311 -21.37 29.90 -20.35
N PRO B 312 -20.85 31.04 -19.84
CA PRO B 312 -19.42 31.29 -19.77
C PRO B 312 -18.66 30.11 -19.15
N ALA B 313 -19.25 29.42 -18.16
CA ALA B 313 -18.56 28.28 -17.52
C ALA B 313 -18.21 27.20 -18.55
N TYR B 314 -18.96 27.05 -19.65
CA TYR B 314 -18.56 26.08 -20.69
C TYR B 314 -17.14 26.41 -21.19
N ASP B 315 -16.94 27.68 -21.56
CA ASP B 315 -15.60 28.19 -21.97
C ASP B 315 -14.56 28.04 -20.85
N GLY B 316 -14.95 28.30 -19.61
CA GLY B 316 -14.01 28.16 -18.49
C GLY B 316 -13.52 26.73 -18.41
N LEU B 317 -14.44 25.78 -18.50
CA LEU B 317 -14.06 24.33 -18.50
C LEU B 317 -13.14 24.04 -19.68
N MET B 318 -13.50 24.51 -20.88
CA MET B 318 -12.63 24.22 -22.06
C MET B 318 -11.23 24.77 -21.77
N ALA B 319 -11.11 25.98 -21.25
CA ALA B 319 -9.80 26.58 -20.90
C ALA B 319 -9.06 25.72 -19.86
N GLY B 320 -9.75 25.27 -18.81
CA GLY B 320 -9.09 24.47 -17.76
C GLY B 320 -8.67 23.11 -18.25
N LEU B 321 -9.35 22.58 -19.28
CA LEU B 321 -8.93 21.30 -19.91
C LEU B 321 -7.87 21.55 -21.01
N GLY B 322 -7.35 22.76 -21.13
CA GLY B 322 -6.23 23.09 -22.03
C GLY B 322 -6.66 23.09 -23.49
N ALA B 323 -7.93 23.33 -23.82
CA ALA B 323 -8.39 23.35 -25.23
C ALA B 323 -8.24 24.76 -25.82
#